data_6LLW
#
_entry.id   6LLW
#
_cell.length_a   98.308
_cell.length_b   144.105
_cell.length_c   69.808
_cell.angle_alpha   90.000
_cell.angle_beta   90.000
_cell.angle_gamma   90.000
#
_symmetry.space_group_name_H-M   'P 21 21 2'
#
loop_
_entity.id
_entity.type
_entity.pdbx_description
1 polymer 'UDP-glycosyltransferase 708C1'
2 non-polymer "URIDINE-5'-DIPHOSPHATE"
3 water water
#
_entity_poly.entity_id   1
_entity_poly.type   'polypeptide(L)'
_entity_poly.pdbx_seq_one_letter_code
;MMGDLTTSFPATTLTTNDQPHVVVCSGAGMGHLTPFLNLASALSSAPYNCKVTLLIVIPLITDAESHHISSFFSSHPTIH
RLDFHVNLPAPKPNVDPFFLRYKSISDSAHRLPVHLSALSPPISAVFSDFLFTQGLNTTLPHLPNYTFTTTSARFFTLMS
YVPHLAKSSSSSPVEIPGLEPFPTDNIPPPFFNPEHIFTSFTISNAKYFSLSKGILVNTFDSFEPETLSALNSGDTLSDL
PPVIPIGPLNELEHNKQEELLPWLDQQPEKSVLYVSFGNRTAMSSDQILELGMGLERSDCRFIWVVKTSKIDKDDKSELR
KLFGEELYLKLSEKGKLVKWVNQTEILGHTAVGGFLSHCGWNSVMEAARRGVPILAWPQHGDQRENAWVVEKAGLGVWER
EWASGIQAAIVEKVKMIMGNNDLRKSAMKVGEEAKRACDVGGSSATALMNIIGSLKR
;
_entity_poly.pdbx_strand_id   A,B
#
loop_
_chem_comp.id
_chem_comp.type
_chem_comp.name
_chem_comp.formula
UDP RNA linking URIDINE-5'-DIPHOSPHATE 'C9 H14 N2 O12 P2'
#
# COMPACT_ATOMS: atom_id res chain seq x y z
N ASP A 18 12.26 -19.54 -25.27
CA ASP A 18 13.08 -18.63 -26.06
C ASP A 18 12.97 -17.18 -25.58
N GLN A 19 12.12 -16.95 -24.58
CA GLN A 19 11.77 -15.60 -24.16
C GLN A 19 12.80 -15.09 -23.14
N PRO A 20 13.46 -13.97 -23.40
CA PRO A 20 14.55 -13.53 -22.53
C PRO A 20 14.05 -13.13 -21.14
N HIS A 21 14.85 -13.44 -20.14
CA HIS A 21 14.64 -12.95 -18.78
C HIS A 21 15.57 -11.74 -18.59
N VAL A 22 14.98 -10.58 -18.35
CA VAL A 22 15.75 -9.36 -18.20
C VAL A 22 15.45 -8.76 -16.83
N VAL A 23 16.43 -8.04 -16.29
CA VAL A 23 16.32 -7.34 -15.02
C VAL A 23 16.31 -5.84 -15.27
N VAL A 24 15.34 -5.14 -14.67
CA VAL A 24 15.28 -3.69 -14.66
C VAL A 24 15.67 -3.24 -13.25
N CYS A 25 16.78 -2.50 -13.15
CA CYS A 25 17.43 -2.14 -11.87
C CYS A 25 17.21 -0.66 -11.59
N SER A 26 16.14 -0.35 -10.88
CA SER A 26 15.75 1.03 -10.57
C SER A 26 16.45 1.52 -9.31
N GLY A 27 16.47 2.84 -9.14
CA GLY A 27 17.25 3.46 -8.06
C GLY A 27 16.42 4.06 -6.94
N ALA A 28 16.35 5.39 -6.86
CA ALA A 28 15.52 6.02 -5.82
C ALA A 28 14.96 7.33 -6.34
N GLY A 29 13.83 7.73 -5.79
CA GLY A 29 13.19 8.98 -6.14
C GLY A 29 12.18 8.82 -7.24
N MET A 30 11.02 9.46 -7.07
CA MET A 30 9.86 9.22 -7.93
C MET A 30 10.15 9.49 -9.40
N GLY A 31 10.88 10.58 -9.69
CA GLY A 31 11.19 10.91 -11.07
C GLY A 31 12.10 9.90 -11.74
N HIS A 32 12.90 9.20 -10.98
CA HIS A 32 13.78 8.19 -11.54
C HIS A 32 13.11 6.83 -11.58
N LEU A 33 12.13 6.58 -10.70
CA LEU A 33 11.47 5.29 -10.74
C LEU A 33 10.47 5.21 -11.89
N THR A 34 9.74 6.30 -12.12
CA THR A 34 8.68 6.29 -13.13
C THR A 34 9.12 5.71 -14.47
N PRO A 35 10.19 6.20 -15.11
CA PRO A 35 10.57 5.60 -16.41
C PRO A 35 11.01 4.16 -16.29
N PHE A 36 11.60 3.76 -15.15
CA PHE A 36 11.98 2.36 -14.99
C PHE A 36 10.75 1.47 -14.87
N LEU A 37 9.70 1.96 -14.20
CA LEU A 37 8.48 1.18 -14.15
C LEU A 37 7.84 1.11 -15.55
N ASN A 38 7.85 2.23 -16.28
CA ASN A 38 7.31 2.20 -17.64
C ASN A 38 8.08 1.22 -18.51
N LEU A 39 9.41 1.19 -18.38
CA LEU A 39 10.22 0.28 -19.18
C LEU A 39 9.93 -1.17 -18.81
N ALA A 40 9.88 -1.48 -17.51
CA ALA A 40 9.57 -2.84 -17.08
C ALA A 40 8.21 -3.28 -17.61
N SER A 41 7.22 -2.39 -17.52
CA SER A 41 5.91 -2.68 -18.07
C SER A 41 5.99 -2.95 -19.57
N ALA A 42 6.69 -2.09 -20.31
CA ALA A 42 6.77 -2.28 -21.76
C ALA A 42 7.44 -3.59 -22.11
N LEU A 43 8.55 -3.94 -21.44
CA LEU A 43 9.30 -5.14 -21.82
C LEU A 43 8.55 -6.42 -21.50
N SER A 44 7.71 -6.41 -20.47
CA SER A 44 6.97 -7.62 -20.10
C SER A 44 5.77 -7.88 -21.01
N SER A 45 5.53 -7.00 -21.97
CA SER A 45 4.37 -6.97 -22.82
C SER A 45 4.72 -6.99 -24.26
N ALA A 46 3.76 -7.27 -25.11
CA ALA A 46 4.08 -7.37 -26.49
C ALA A 46 4.29 -5.99 -27.02
N PRO A 47 5.17 -5.74 -28.08
CA PRO A 47 5.75 -6.92 -28.73
C PRO A 47 7.01 -7.49 -28.15
N TYR A 48 7.53 -6.97 -27.08
CA TYR A 48 8.72 -7.49 -26.48
C TYR A 48 8.65 -8.82 -25.79
N ASN A 49 7.62 -9.01 -25.00
CA ASN A 49 7.33 -10.28 -24.32
C ASN A 49 8.57 -10.91 -23.66
N CYS A 50 9.24 -10.15 -22.81
CA CYS A 50 10.25 -10.75 -21.96
C CYS A 50 9.66 -11.17 -20.63
N LYS A 51 10.38 -12.04 -19.92
CA LYS A 51 10.19 -12.19 -18.49
C LYS A 51 10.98 -11.09 -17.80
N VAL A 52 10.32 -10.29 -16.97
CA VAL A 52 10.94 -9.13 -16.34
C VAL A 52 11.01 -9.34 -14.84
N THR A 53 12.20 -9.15 -14.29
CA THR A 53 12.37 -8.95 -12.86
C THR A 53 12.69 -7.49 -12.64
N LEU A 54 11.89 -6.83 -11.81
CA LEU A 54 12.09 -5.44 -11.43
C LEU A 54 12.76 -5.38 -10.07
N LEU A 55 13.98 -4.84 -10.03
CA LEU A 55 14.71 -4.67 -8.79
C LEU A 55 14.32 -3.35 -8.15
N ILE A 56 13.95 -3.40 -6.87
CA ILE A 56 13.59 -2.23 -6.07
C ILE A 56 14.62 -2.07 -4.97
N VAL A 57 15.17 -0.86 -4.83
CA VAL A 57 16.05 -0.60 -3.68
C VAL A 57 15.18 -0.26 -2.47
N ILE A 58 15.33 -0.98 -1.39
CA ILE A 58 14.62 -0.72 -0.20
C ILE A 58 15.65 -0.52 0.90
N PRO A 59 15.35 0.44 1.74
CA PRO A 59 14.05 1.00 2.03
C PRO A 59 13.83 2.30 1.28
N LEU A 60 12.57 2.42 1.02
CA LEU A 60 12.24 3.59 0.22
C LEU A 60 12.26 4.84 1.09
N ILE A 61 12.65 5.96 0.48
CA ILE A 61 12.83 7.20 1.22
C ILE A 61 11.50 7.87 1.54
N THR A 62 10.59 7.95 0.57
CA THR A 62 9.33 8.64 0.74
C THR A 62 8.17 7.66 0.70
N ASP A 63 7.09 8.02 1.38
CA ASP A 63 5.89 7.21 1.35
C ASP A 63 5.27 7.18 -0.05
N ALA A 64 5.42 8.26 -0.81
CA ALA A 64 4.90 8.30 -2.18
C ALA A 64 5.55 7.21 -3.05
N GLU A 65 6.87 7.07 -2.95
CA GLU A 65 7.58 6.03 -3.69
C GLU A 65 7.01 4.66 -3.39
N SER A 66 6.91 4.32 -2.10
CA SER A 66 6.42 3.00 -1.70
C SER A 66 5.00 2.78 -2.19
N HIS A 67 4.16 3.80 -2.03
CA HIS A 67 2.79 3.75 -2.52
C HIS A 67 2.75 3.44 -4.02
N HIS A 68 3.57 4.13 -4.81
CA HIS A 68 3.54 3.93 -6.27
C HIS A 68 4.05 2.55 -6.68
N ILE A 69 5.03 2.01 -5.95
CA ILE A 69 5.61 0.71 -6.30
C ILE A 69 4.60 -0.41 -6.07
N SER A 70 4.01 -0.46 -4.87
CA SER A 70 3.06 -1.53 -4.60
C SER A 70 1.86 -1.45 -5.53
N SER A 71 1.46 -0.23 -5.89
CA SER A 71 0.41 -0.08 -6.88
C SER A 71 0.84 -0.62 -8.23
N PHE A 72 2.12 -0.39 -8.61
CA PHE A 72 2.61 -0.92 -9.88
C PHE A 72 2.55 -2.44 -9.93
N PHE A 73 3.05 -3.10 -8.88
CA PHE A 73 3.06 -4.56 -8.88
C PHE A 73 1.66 -5.14 -8.81
N SER A 74 0.76 -4.46 -8.09
CA SER A 74 -0.64 -4.88 -8.08
C SER A 74 -1.22 -4.91 -9.49
N SER A 75 -0.93 -3.88 -10.29
CA SER A 75 -1.45 -3.78 -11.64
C SER A 75 -0.58 -4.47 -12.68
N HIS A 76 0.59 -4.99 -12.32
CA HIS A 76 1.44 -5.74 -13.24
C HIS A 76 1.86 -7.06 -12.60
N PRO A 77 0.91 -7.94 -12.31
CA PRO A 77 1.23 -9.16 -11.57
C PRO A 77 2.22 -10.08 -12.27
N THR A 78 2.45 -9.93 -13.58
CA THR A 78 3.35 -10.82 -14.27
C THR A 78 4.83 -10.50 -14.01
N ILE A 79 5.14 -9.32 -13.46
CA ILE A 79 6.52 -8.91 -13.29
C ILE A 79 7.01 -9.29 -11.89
N HIS A 80 8.21 -9.85 -11.84
CA HIS A 80 8.74 -10.37 -10.59
C HIS A 80 9.41 -9.24 -9.84
N ARG A 81 9.21 -9.21 -8.52
CA ARG A 81 9.79 -8.17 -7.69
C ARG A 81 11.02 -8.73 -7.00
N LEU A 82 12.14 -8.01 -7.09
CA LEU A 82 13.33 -8.38 -6.35
C LEU A 82 13.75 -7.19 -5.51
N ASP A 83 13.71 -7.37 -4.19
CA ASP A 83 14.09 -6.34 -3.25
C ASP A 83 15.59 -6.37 -3.04
N PHE A 84 16.23 -5.21 -3.15
CA PHE A 84 17.67 -5.06 -2.92
C PHE A 84 17.82 -4.13 -1.73
N HIS A 85 18.13 -4.70 -0.56
CA HIS A 85 18.17 -3.91 0.67
C HIS A 85 19.50 -3.19 0.79
N VAL A 86 19.46 -1.86 0.95
CA VAL A 86 20.69 -1.09 1.15
C VAL A 86 20.42 -0.21 2.38
N ASN A 87 21.27 -0.29 3.39
CA ASN A 87 21.03 0.44 4.64
C ASN A 87 20.91 1.94 4.37
N LEU A 88 19.96 2.58 5.02
CA LEU A 88 19.83 4.03 4.87
C LEU A 88 21.00 4.71 5.55
N PRO A 89 21.66 5.65 4.89
CA PRO A 89 22.72 6.41 5.55
C PRO A 89 22.13 7.36 6.58
N ALA A 90 22.89 7.62 7.65
CA ALA A 90 22.45 8.59 8.64
C ALA A 90 22.44 9.98 8.01
N PRO A 91 21.41 10.79 8.28
CA PRO A 91 21.40 12.16 7.74
C PRO A 91 22.55 12.99 8.30
N LYS A 92 23.00 13.95 7.50
CA LYS A 92 24.11 14.84 7.84
C LYS A 92 23.64 16.28 7.69
N PRO A 93 24.06 17.20 8.55
CA PRO A 93 23.70 18.61 8.34
C PRO A 93 24.23 19.10 7.00
N ASN A 94 23.39 19.82 6.27
CA ASN A 94 23.71 20.50 5.02
C ASN A 94 24.01 19.56 3.88
N VAL A 95 23.51 18.33 3.93
CA VAL A 95 23.68 17.36 2.85
C VAL A 95 22.30 16.87 2.42
N ASP A 96 22.01 17.02 1.13
CA ASP A 96 20.71 16.67 0.60
C ASP A 96 20.39 15.21 0.88
N PRO A 97 19.23 14.90 1.51
CA PRO A 97 18.93 13.50 1.86
C PRO A 97 18.95 12.56 0.66
N PHE A 98 18.45 13.00 -0.49
CA PHE A 98 18.42 12.13 -1.67
C PHE A 98 19.83 11.89 -2.21
N PHE A 99 20.69 12.92 -2.17
CA PHE A 99 22.07 12.70 -2.60
C PHE A 99 22.73 11.64 -1.72
N LEU A 100 22.51 11.72 -0.40
CA LEU A 100 23.06 10.72 0.50
C LEU A 100 22.52 9.34 0.16
N ARG A 101 21.23 9.27 -0.18
CA ARG A 101 20.65 8.00 -0.57
C ARG A 101 21.24 7.51 -1.90
N TYR A 102 21.33 8.40 -2.91
CA TYR A 102 21.99 8.02 -4.18
C TYR A 102 23.37 7.44 -3.92
N LYS A 103 24.15 8.11 -3.07
CA LYS A 103 25.53 7.70 -2.80
C LYS A 103 25.56 6.32 -2.16
N SER A 104 24.72 6.12 -1.16
CA SER A 104 24.45 4.82 -0.58
C SER A 104 24.21 3.73 -1.64
N ILE A 105 23.43 4.05 -2.67
CA ILE A 105 23.05 3.06 -3.68
C ILE A 105 24.21 2.77 -4.63
N SER A 106 24.86 3.81 -5.14
CA SER A 106 26.08 3.65 -5.93
C SER A 106 27.10 2.78 -5.21
N ASP A 107 27.30 3.03 -3.92
CA ASP A 107 28.31 2.32 -3.14
C ASP A 107 27.97 0.85 -2.93
N SER A 108 26.73 0.45 -3.16
CA SER A 108 26.34 -0.93 -2.92
C SER A 108 26.19 -1.73 -4.20
N ALA A 109 26.38 -1.12 -5.37
CA ALA A 109 26.14 -1.81 -6.63
C ALA A 109 27.05 -3.03 -6.81
N HIS A 110 28.28 -2.97 -6.28
CA HIS A 110 29.18 -4.12 -6.37
C HIS A 110 28.57 -5.37 -5.74
N ARG A 111 27.53 -5.24 -4.90
CA ARG A 111 26.89 -6.40 -4.31
C ARG A 111 25.86 -7.06 -5.22
N LEU A 112 25.47 -6.41 -6.32
CA LEU A 112 24.43 -6.98 -7.19
C LEU A 112 24.75 -8.33 -7.80
N PRO A 113 25.99 -8.68 -8.15
CA PRO A 113 26.25 -9.98 -8.82
C PRO A 113 25.62 -11.20 -8.16
N VAL A 114 25.79 -11.35 -6.85
CA VAL A 114 25.25 -12.53 -6.20
C VAL A 114 23.73 -12.56 -6.33
N HIS A 115 23.09 -11.40 -6.27
CA HIS A 115 21.64 -11.38 -6.32
C HIS A 115 21.12 -11.62 -7.74
N LEU A 116 21.78 -11.06 -8.76
CA LEU A 116 21.26 -11.25 -10.12
C LEU A 116 21.56 -12.64 -10.65
N SER A 117 22.62 -13.27 -10.16
CA SER A 117 23.03 -14.58 -10.63
C SER A 117 22.11 -15.69 -10.10
N ALA A 118 21.44 -15.45 -8.97
CA ALA A 118 20.51 -16.42 -8.42
C ALA A 118 19.21 -16.50 -9.20
N LEU A 119 18.90 -15.48 -10.02
CA LEU A 119 17.62 -15.47 -10.73
C LEU A 119 17.54 -16.59 -11.75
N SER A 120 16.33 -17.07 -11.94
CA SER A 120 16.01 -18.10 -12.88
C SER A 120 14.82 -17.74 -13.76
N PRO A 121 14.83 -18.03 -15.14
CA PRO A 121 16.07 -18.59 -15.67
C PRO A 121 17.16 -17.58 -15.77
N PRO A 122 18.40 -18.11 -16.13
CA PRO A 122 19.48 -17.12 -16.13
C PRO A 122 19.25 -15.95 -17.05
N ILE A 123 19.59 -14.76 -16.59
CA ILE A 123 19.15 -13.51 -17.22
C ILE A 123 19.99 -13.22 -18.46
N SER A 124 19.36 -12.58 -19.44
CA SER A 124 20.00 -12.20 -20.69
C SER A 124 20.57 -10.78 -20.67
N ALA A 125 20.01 -9.89 -19.86
CA ALA A 125 20.46 -8.50 -19.89
C ALA A 125 19.92 -7.77 -18.67
N VAL A 126 20.56 -6.65 -18.36
CA VAL A 126 20.13 -5.75 -17.30
C VAL A 126 19.99 -4.34 -17.88
N PHE A 127 18.93 -3.66 -17.43
CA PHE A 127 18.66 -2.26 -17.75
C PHE A 127 18.70 -1.52 -16.43
N SER A 128 19.68 -0.66 -16.25
CA SER A 128 20.05 -0.24 -14.91
C SER A 128 20.10 1.26 -14.78
N ASP A 129 19.83 1.71 -13.56
CA ASP A 129 20.01 3.11 -13.24
C ASP A 129 21.50 3.45 -13.30
N PHE A 130 21.75 4.72 -13.61
CA PHE A 130 23.11 5.24 -13.68
C PHE A 130 23.92 4.95 -12.41
N LEU A 131 23.27 4.88 -11.24
CA LEU A 131 23.98 4.61 -10.00
C LEU A 131 24.59 3.22 -9.91
N PHE A 132 24.13 2.28 -10.72
CA PHE A 132 24.66 0.92 -10.68
C PHE A 132 25.79 0.68 -11.67
N THR A 133 26.21 1.71 -12.43
CA THR A 133 27.07 1.50 -13.59
C THR A 133 28.42 0.88 -13.20
N GLN A 134 29.11 1.50 -12.25
CA GLN A 134 30.42 0.97 -11.85
C GLN A 134 30.31 -0.45 -11.30
N GLY A 135 29.36 -0.66 -10.38
CA GLY A 135 29.19 -1.99 -9.79
C GLY A 135 28.92 -3.06 -10.83
N LEU A 136 27.99 -2.80 -11.74
CA LEU A 136 27.62 -3.79 -12.75
C LEU A 136 28.74 -4.03 -13.75
N ASN A 137 29.34 -2.97 -14.27
CA ASN A 137 30.30 -3.11 -15.37
C ASN A 137 31.67 -3.59 -14.94
N THR A 138 31.98 -3.57 -13.64
CA THR A 138 33.22 -4.19 -13.18
C THR A 138 32.99 -5.64 -12.74
N THR A 139 31.93 -5.87 -11.98
CA THR A 139 31.71 -7.18 -11.37
C THR A 139 31.00 -8.17 -12.30
N LEU A 140 30.25 -7.68 -13.28
CA LEU A 140 29.54 -8.52 -14.25
C LEU A 140 29.88 -8.09 -15.67
N PRO A 141 31.14 -8.22 -16.07
CA PRO A 141 31.54 -7.68 -17.37
C PRO A 141 31.01 -8.45 -18.58
N HIS A 142 30.55 -9.70 -18.40
CA HIS A 142 30.11 -10.53 -19.52
C HIS A 142 28.60 -10.45 -19.76
N LEU A 143 27.87 -9.73 -18.93
CA LEU A 143 26.42 -9.59 -19.04
C LEU A 143 26.08 -8.25 -19.68
N PRO A 144 25.34 -8.21 -20.79
CA PRO A 144 24.97 -6.92 -21.38
C PRO A 144 24.30 -6.01 -20.36
N ASN A 145 24.88 -4.84 -20.11
CA ASN A 145 24.29 -3.86 -19.21
C ASN A 145 23.93 -2.63 -20.02
N TYR A 146 22.64 -2.32 -20.09
CA TYR A 146 22.13 -1.13 -20.74
C TYR A 146 21.87 -0.08 -19.68
N THR A 147 22.61 1.02 -19.73
CA THR A 147 22.41 2.10 -18.76
C THR A 147 21.25 2.98 -19.24
N PHE A 148 20.22 3.10 -18.41
CA PHE A 148 19.01 3.80 -18.77
C PHE A 148 19.03 5.12 -18.02
N THR A 149 19.40 6.21 -18.71
CA THR A 149 19.28 7.51 -18.09
C THR A 149 17.85 8.03 -18.11
N THR A 150 17.49 8.76 -17.06
CA THR A 150 16.14 9.30 -16.93
C THR A 150 16.01 10.75 -17.41
N THR A 151 17.09 11.37 -17.88
CA THR A 151 17.11 12.75 -18.34
C THR A 151 17.16 12.84 -19.88
N SER A 152 17.06 14.07 -20.39
CA SER A 152 17.39 14.42 -21.78
C SER A 152 18.74 13.86 -22.22
N ALA A 153 18.84 13.50 -23.50
CA ALA A 153 20.16 13.26 -24.11
C ALA A 153 21.07 14.48 -23.94
N ARG A 154 20.50 15.67 -23.99
CA ARG A 154 21.30 16.87 -23.81
C ARG A 154 21.92 16.90 -22.42
N PHE A 155 21.13 16.72 -21.36
CA PHE A 155 21.72 16.80 -20.04
C PHE A 155 22.57 15.58 -19.72
N PHE A 156 22.22 14.41 -20.24
CA PHE A 156 23.06 13.23 -20.03
C PHE A 156 24.47 13.46 -20.56
N THR A 157 24.60 14.11 -21.71
CA THR A 157 25.91 14.42 -22.27
C THR A 157 26.76 15.21 -21.28
N LEU A 158 26.16 16.23 -20.66
CA LEU A 158 26.83 16.98 -19.60
C LEU A 158 27.32 16.03 -18.51
N MET A 159 26.42 15.16 -18.01
CA MET A 159 26.77 14.29 -16.89
C MET A 159 27.95 13.40 -17.23
N SER A 160 27.99 12.86 -18.45
CA SER A 160 29.10 11.99 -18.84
C SER A 160 30.41 12.75 -18.99
N TYR A 161 30.34 14.07 -19.13
CA TYR A 161 31.53 14.89 -19.26
C TYR A 161 32.03 15.36 -17.91
N VAL A 162 31.29 15.08 -16.83
CA VAL A 162 31.67 15.58 -15.51
C VAL A 162 33.06 15.10 -15.09
N PRO A 163 33.51 13.88 -15.38
CA PRO A 163 34.90 13.52 -15.03
C PRO A 163 35.93 14.46 -15.62
N HIS A 164 35.62 15.09 -16.74
CA HIS A 164 36.55 15.98 -17.40
C HIS A 164 36.36 17.43 -16.98
N LEU A 165 35.49 17.74 -16.08
CA LEU A 165 35.53 19.07 -15.59
C LEU A 165 36.47 18.97 -14.43
N LYS A 167 39.34 20.43 -12.65
CA LYS A 167 40.08 20.59 -13.85
C LYS A 167 39.30 21.45 -14.80
N SER A 169 37.15 25.42 -15.49
CA SER A 169 36.90 26.81 -15.16
C SER A 169 35.57 26.96 -14.44
N SER A 170 35.57 27.14 -13.13
CA SER A 170 34.31 27.06 -12.42
C SER A 170 33.28 28.06 -12.94
N SER A 171 33.72 29.12 -13.63
CA SER A 171 32.84 30.19 -14.08
C SER A 171 33.19 30.55 -15.53
N SER A 172 32.92 29.61 -16.44
CA SER A 172 32.94 29.87 -17.87
C SER A 172 32.22 28.69 -18.54
N PRO A 173 31.41 28.94 -19.57
CA PRO A 173 30.63 27.85 -20.18
C PRO A 173 31.50 26.67 -20.60
N VAL A 174 30.93 25.48 -20.46
CA VAL A 174 31.57 24.22 -20.82
C VAL A 174 31.24 23.90 -22.27
N GLU A 175 32.27 23.65 -23.07
CA GLU A 175 32.10 23.36 -24.49
C GLU A 175 32.52 21.90 -24.75
N ILE A 176 31.52 21.04 -24.87
CA ILE A 176 31.73 19.66 -25.34
C ILE A 176 31.80 19.69 -26.88
N PRO A 177 32.81 19.07 -27.49
CA PRO A 177 32.95 19.15 -28.96
C PRO A 177 31.72 18.64 -29.68
N GLY A 178 31.27 19.41 -30.68
CA GLY A 178 30.13 19.03 -31.49
C GLY A 178 28.79 19.44 -30.94
N LEU A 179 28.71 19.89 -29.69
CA LEU A 179 27.47 20.33 -29.08
C LEU A 179 27.50 21.83 -28.82
N GLU A 180 26.32 22.43 -28.84
CA GLU A 180 26.14 23.78 -28.33
C GLU A 180 26.65 23.87 -26.88
N PRO A 181 27.41 24.92 -26.54
CA PRO A 181 28.01 25.00 -25.20
C PRO A 181 26.95 25.01 -24.09
N PHE A 182 27.34 24.56 -22.91
CA PHE A 182 26.48 24.58 -21.74
C PHE A 182 26.79 25.82 -20.94
N PRO A 183 25.93 26.84 -20.90
CA PRO A 183 26.26 28.04 -20.13
C PRO A 183 26.36 27.74 -18.65
N THR A 184 27.20 28.52 -17.96
CA THR A 184 27.51 28.24 -16.56
C THR A 184 26.27 28.22 -15.68
N ASP A 185 25.30 29.10 -15.95
CA ASP A 185 24.11 29.16 -15.11
C ASP A 185 23.12 28.02 -15.37
N ASN A 186 23.43 27.08 -16.28
CA ASN A 186 22.64 25.85 -16.43
C ASN A 186 23.38 24.61 -15.93
N ILE A 187 24.56 24.77 -15.36
CA ILE A 187 25.35 23.66 -14.82
C ILE A 187 25.19 23.66 -13.32
N PRO A 188 24.75 22.56 -12.70
CA PRO A 188 24.74 22.48 -11.23
C PRO A 188 26.12 22.81 -10.69
N PRO A 189 26.23 23.83 -9.84
CA PRO A 189 27.55 24.27 -9.34
C PRO A 189 28.35 23.17 -8.67
N PRO A 190 27.71 22.19 -7.98
CA PRO A 190 28.51 21.06 -7.46
C PRO A 190 29.39 20.37 -8.50
N PHE A 191 28.98 20.38 -9.78
CA PHE A 191 29.72 19.69 -10.85
C PHE A 191 31.17 20.14 -10.97
N PHE A 192 31.52 21.33 -10.48
CA PHE A 192 32.89 21.83 -10.56
C PHE A 192 33.73 21.47 -9.34
N ASN A 193 33.14 20.80 -8.32
CA ASN A 193 33.87 20.36 -7.13
C ASN A 193 33.92 18.84 -7.11
N PRO A 194 35.05 18.24 -7.35
CA PRO A 194 35.10 16.80 -7.51
C PRO A 194 34.70 16.05 -6.26
N GLU A 195 34.79 16.69 -5.12
CA GLU A 195 34.37 16.05 -3.91
C GLU A 195 33.05 16.45 -3.28
N HIS A 196 32.21 17.16 -3.97
CA HIS A 196 30.81 17.28 -3.58
C HIS A 196 30.15 15.88 -3.66
N ILE A 197 29.19 15.58 -2.81
CA ILE A 197 28.73 14.19 -2.75
C ILE A 197 28.09 13.76 -4.08
N PHE A 198 27.29 14.64 -4.68
CA PHE A 198 26.67 14.31 -5.97
C PHE A 198 27.73 14.08 -7.05
N THR A 199 28.68 15.01 -7.16
CA THR A 199 29.74 14.85 -8.13
C THR A 199 30.47 13.52 -7.95
N SER A 200 30.61 13.06 -6.70
CA SER A 200 31.44 11.89 -6.43
C SER A 200 30.84 10.65 -7.10
N PHE A 201 29.58 10.32 -6.81
CA PHE A 201 28.98 9.17 -7.47
C PHE A 201 28.70 9.43 -8.96
N THR A 202 28.59 10.69 -9.40
CA THR A 202 28.45 10.95 -10.83
C THR A 202 29.72 10.56 -11.58
N ILE A 203 30.87 10.99 -11.06
CA ILE A 203 32.16 10.65 -11.65
C ILE A 203 32.39 9.14 -11.60
N SER A 204 32.13 8.52 -10.43
CA SER A 204 32.44 7.10 -10.29
C SER A 204 31.67 6.25 -11.30
N ASN A 205 30.44 6.63 -11.60
CA ASN A 205 29.65 5.82 -12.52
C ASN A 205 29.83 6.25 -13.97
N ALA A 206 29.96 7.55 -14.25
CA ALA A 206 30.23 7.97 -15.64
C ALA A 206 31.55 7.40 -16.13
N LYS A 207 32.52 7.23 -15.24
CA LYS A 207 33.80 6.67 -15.66
C LYS A 207 33.67 5.24 -16.21
N TYR A 208 32.52 4.58 -16.00
CA TYR A 208 32.32 3.23 -16.51
C TYR A 208 31.24 3.12 -17.58
N PHE A 209 30.75 4.25 -18.10
CA PHE A 209 29.78 4.22 -19.20
C PHE A 209 30.33 3.49 -20.42
N SER A 210 31.65 3.57 -20.66
CA SER A 210 32.27 2.93 -21.83
C SER A 210 32.01 1.44 -21.86
N LEU A 211 31.81 0.82 -20.70
CA LEU A 211 31.62 -0.62 -20.64
C LEU A 211 30.17 -1.05 -20.76
N SER A 212 29.21 -0.11 -20.73
CA SER A 212 27.82 -0.49 -20.93
C SER A 212 27.58 -0.85 -22.39
N LYS A 213 26.62 -1.74 -22.63
CA LYS A 213 26.29 -2.10 -24.01
C LYS A 213 25.65 -0.94 -24.76
N GLY A 214 24.95 -0.06 -24.06
CA GLY A 214 24.39 1.13 -24.66
C GLY A 214 23.86 2.02 -23.56
N ILE A 215 23.59 3.29 -23.94
CA ILE A 215 22.85 4.22 -23.09
C ILE A 215 21.45 4.34 -23.65
N LEU A 216 20.44 3.98 -22.86
CA LEU A 216 19.06 4.21 -23.27
C LEU A 216 18.61 5.56 -22.73
N VAL A 217 17.87 6.29 -23.56
CA VAL A 217 17.37 7.60 -23.23
C VAL A 217 15.88 7.63 -23.52
N ASN A 218 15.11 8.19 -22.59
CA ASN A 218 13.67 8.33 -22.82
C ASN A 218 13.46 9.60 -23.63
N THR A 219 13.76 9.48 -24.92
CA THR A 219 13.67 10.57 -25.87
C THR A 219 13.43 9.91 -27.23
N PHE A 220 13.30 10.71 -28.28
CA PHE A 220 13.18 10.15 -29.62
C PHE A 220 14.00 10.99 -30.58
N ASP A 221 14.39 10.33 -31.70
CA ASP A 221 15.33 10.90 -32.64
C ASP A 221 14.95 12.31 -33.09
N SER A 222 13.69 12.52 -33.48
CA SER A 222 13.31 13.83 -34.00
C SER A 222 13.21 14.90 -32.92
N PHE A 223 13.26 14.52 -31.64
CA PHE A 223 13.15 15.49 -30.54
C PHE A 223 14.51 16.11 -30.21
N GLU A 224 15.60 15.34 -30.29
CA GLU A 224 16.95 15.87 -30.04
C GLU A 224 17.91 15.42 -31.15
N PRO A 225 17.61 15.79 -32.41
CA PRO A 225 18.43 15.25 -33.50
C PRO A 225 19.87 15.74 -33.51
N GLU A 226 20.16 16.96 -33.08
CA GLU A 226 21.55 17.39 -33.20
C GLU A 226 22.41 16.80 -32.08
N THR A 227 21.88 16.69 -30.87
CA THR A 227 22.59 16.02 -29.78
C THR A 227 22.85 14.56 -30.11
N LEU A 228 21.83 13.85 -30.62
CA LEU A 228 21.97 12.41 -30.87
C LEU A 228 22.90 12.12 -32.04
N SER A 229 22.78 12.90 -33.13
CA SER A 229 23.68 12.68 -34.25
C SER A 229 25.12 13.00 -33.88
N ALA A 230 25.33 14.04 -33.06
CA ALA A 230 26.70 14.32 -32.61
C ALA A 230 27.22 13.18 -31.75
N LEU A 231 26.41 12.66 -30.82
CA LEU A 231 26.86 11.54 -29.99
C LEU A 231 27.19 10.32 -30.82
N ASN A 232 26.39 10.00 -31.84
CA ASN A 232 26.59 8.73 -32.48
C ASN A 232 27.50 8.83 -33.71
N SER A 233 27.82 10.04 -34.14
CA SER A 233 28.83 10.21 -35.18
C SER A 233 30.25 10.08 -34.63
N GLY A 234 30.43 10.28 -33.32
CA GLY A 234 31.76 10.39 -32.75
C GLY A 234 32.26 11.79 -32.46
N ASP A 235 31.44 12.82 -32.65
CA ASP A 235 31.93 14.20 -32.66
C ASP A 235 32.29 14.69 -31.27
N THR A 236 31.56 14.24 -30.25
CA THR A 236 31.88 14.60 -28.88
C THR A 236 33.22 14.04 -28.44
N LEU A 237 33.80 13.12 -29.22
CA LEU A 237 35.06 12.47 -28.89
C LEU A 237 34.99 11.80 -27.51
N SER A 238 33.84 11.21 -27.21
CA SER A 238 33.66 10.41 -26.02
C SER A 238 33.84 8.93 -26.36
N ASP A 239 34.08 8.12 -25.32
CA ASP A 239 34.12 6.68 -25.46
C ASP A 239 32.80 6.02 -25.05
N LEU A 240 31.70 6.77 -25.16
CA LEU A 240 30.38 6.25 -24.86
C LEU A 240 30.03 5.11 -25.82
N PRO A 241 29.24 4.15 -25.37
CA PRO A 241 28.62 3.19 -26.29
C PRO A 241 27.51 3.89 -27.08
N PRO A 242 26.84 3.20 -28.00
CA PRO A 242 25.72 3.83 -28.72
C PRO A 242 24.67 4.37 -27.76
N VAL A 243 24.17 5.57 -28.06
CA VAL A 243 23.11 6.22 -27.31
C VAL A 243 21.80 6.01 -28.05
N ILE A 244 20.87 5.31 -27.41
CA ILE A 244 19.69 4.78 -28.09
C ILE A 244 18.39 5.33 -27.52
N PRO A 245 17.70 6.20 -28.25
CA PRO A 245 16.37 6.66 -27.79
C PRO A 245 15.36 5.52 -27.86
N ILE A 246 14.63 5.35 -26.79
CA ILE A 246 13.59 4.36 -26.69
C ILE A 246 12.25 4.93 -26.35
N GLY A 247 12.14 6.23 -26.32
CA GLY A 247 10.91 6.84 -25.93
C GLY A 247 10.04 7.51 -26.93
N PRO A 248 9.06 8.36 -26.42
CA PRO A 248 7.86 7.90 -25.90
C PRO A 248 7.62 6.65 -25.13
N LEU A 249 8.03 6.45 -23.91
CA LEU A 249 7.62 5.28 -23.18
C LEU A 249 6.12 5.27 -22.83
N ASN A 250 5.46 4.14 -23.04
CA ASN A 250 4.03 4.02 -22.80
C ASN A 250 3.76 4.20 -21.31
N GLU A 251 2.85 5.10 -20.97
CA GLU A 251 2.56 5.30 -19.56
C GLU A 251 1.61 4.23 -19.02
N LEU A 252 1.61 4.15 -17.70
CA LEU A 252 0.90 3.14 -16.97
C LEU A 252 -0.55 3.52 -16.64
N GLU A 253 -1.42 2.54 -16.81
CA GLU A 253 -2.80 2.65 -16.37
C GLU A 253 -2.83 2.77 -14.86
N HIS A 254 -3.39 3.86 -14.36
CA HIS A 254 -3.70 3.99 -12.95
C HIS A 254 -5.17 3.63 -12.78
N ASN A 255 -5.43 2.63 -11.93
CA ASN A 255 -6.81 2.19 -11.72
C ASN A 255 -7.63 3.30 -11.06
N LYS A 256 -7.10 3.86 -9.97
CA LYS A 256 -7.68 5.04 -9.31
C LYS A 256 -7.97 6.14 -10.32
N GLN A 257 -9.24 6.52 -10.47
CA GLN A 257 -9.56 7.43 -11.56
C GLN A 257 -9.47 8.89 -11.18
N GLU A 258 -9.22 9.72 -12.19
CA GLU A 258 -9.01 11.15 -12.03
C GLU A 258 -10.34 11.86 -11.89
N GLU A 259 -10.57 12.47 -10.73
CA GLU A 259 -11.84 13.12 -10.44
C GLU A 259 -12.07 14.39 -11.24
N LEU A 260 -11.05 14.90 -11.93
CA LEU A 260 -11.18 16.12 -12.73
C LEU A 260 -11.64 15.90 -14.16
N LEU A 261 -11.66 14.66 -14.66
CA LEU A 261 -12.02 14.46 -16.06
C LEU A 261 -13.44 14.88 -16.40
N PRO A 262 -14.46 14.68 -15.55
CA PRO A 262 -15.79 15.25 -15.88
C PRO A 262 -15.82 16.76 -15.94
N TRP A 263 -15.08 17.45 -15.07
CA TRP A 263 -14.99 18.90 -15.17
C TRP A 263 -14.29 19.32 -16.45
N LEU A 264 -13.18 18.66 -16.78
CA LEU A 264 -12.50 18.93 -18.04
C LEU A 264 -13.43 18.73 -19.23
N ASP A 265 -14.32 17.72 -19.15
CA ASP A 265 -15.24 17.48 -20.26
C ASP A 265 -16.15 18.67 -20.49
N GLN A 266 -16.30 19.57 -19.52
CA GLN A 266 -17.14 20.72 -19.77
C GLN A 266 -16.38 22.00 -20.07
N GLN A 267 -15.10 21.93 -20.29
CA GLN A 267 -14.43 23.16 -20.67
C GLN A 267 -14.21 23.18 -22.19
N PRO A 268 -14.13 24.34 -22.83
CA PRO A 268 -13.91 24.35 -24.27
C PRO A 268 -12.56 23.76 -24.62
N GLU A 269 -12.49 23.17 -25.81
CA GLU A 269 -11.26 22.58 -26.33
C GLU A 269 -10.08 23.55 -26.15
N LYS A 270 -8.98 23.03 -25.58
CA LYS A 270 -7.71 23.75 -25.54
C LYS A 270 -7.81 25.04 -24.72
N SER A 271 -8.71 25.07 -23.74
CA SER A 271 -8.91 26.28 -22.94
C SER A 271 -8.28 26.22 -21.56
N VAL A 272 -7.75 25.08 -21.14
CA VAL A 272 -7.32 24.89 -19.76
C VAL A 272 -5.80 24.83 -19.70
N LEU A 273 -5.22 25.62 -18.82
CA LEU A 273 -3.78 25.54 -18.57
C LEU A 273 -3.54 24.58 -17.40
N TYR A 274 -2.66 23.62 -17.60
CA TYR A 274 -2.27 22.68 -16.56
C TYR A 274 -0.98 23.18 -15.94
N VAL A 275 -0.93 23.24 -14.61
CA VAL A 275 0.21 23.80 -13.88
C VAL A 275 0.71 22.77 -12.89
N SER A 276 1.97 22.36 -13.03
CA SER A 276 2.55 21.41 -12.08
C SER A 276 4.07 21.51 -12.11
N PHE A 277 4.70 21.55 -10.93
CA PHE A 277 6.15 21.72 -10.86
C PHE A 277 6.87 20.49 -10.37
N GLY A 278 6.26 19.31 -10.49
CA GLY A 278 6.97 18.07 -10.22
C GLY A 278 6.95 17.64 -8.76
N ASN A 279 7.66 16.55 -8.52
CA ASN A 279 7.98 16.10 -7.21
C ASN A 279 8.97 17.06 -6.47
N ARG A 280 9.99 17.54 -7.16
CA ARG A 280 10.93 18.46 -6.53
C ARG A 280 10.60 19.91 -6.79
N THR A 281 9.76 20.52 -5.96
CA THR A 281 9.58 21.98 -6.13
C THR A 281 10.17 22.85 -5.09
N ALA A 282 10.91 23.80 -5.55
CA ALA A 282 11.60 24.73 -4.65
C ALA A 282 10.90 26.08 -4.59
N MET A 283 9.57 26.13 -4.60
CA MET A 283 8.86 27.40 -4.65
C MET A 283 8.35 27.79 -3.28
N SER A 284 8.73 28.99 -2.82
CA SER A 284 8.31 29.52 -1.53
C SER A 284 6.84 29.93 -1.58
N SER A 285 6.28 30.14 -0.38
CA SER A 285 4.91 30.60 -0.26
C SER A 285 4.69 31.91 -1.00
N ASP A 286 5.69 32.78 -1.02
CA ASP A 286 5.57 34.05 -1.71
C ASP A 286 5.49 33.83 -3.22
N GLN A 287 6.30 32.91 -3.76
CA GLN A 287 6.22 32.58 -5.18
C GLN A 287 4.86 31.98 -5.54
N ILE A 288 4.35 31.09 -4.70
CA ILE A 288 3.04 30.52 -4.95
C ILE A 288 1.97 31.61 -4.96
N LEU A 289 2.09 32.55 -4.02
CA LEU A 289 1.12 33.64 -3.94
C LEU A 289 1.17 34.52 -5.20
N GLU A 290 2.37 34.91 -5.65
CA GLU A 290 2.45 35.71 -6.87
C GLU A 290 1.95 34.93 -8.07
N LEU A 291 2.20 33.62 -8.13
CA LEU A 291 1.64 32.84 -9.23
C LEU A 291 0.13 32.86 -9.17
N GLY A 292 -0.43 32.72 -7.97
CA GLY A 292 -1.87 32.80 -7.82
C GLY A 292 -2.41 34.14 -8.26
N MET A 293 -1.77 35.23 -7.81
CA MET A 293 -2.18 36.55 -8.25
C MET A 293 -2.09 36.70 -9.75
N GLY A 294 -1.06 36.10 -10.35
CA GLY A 294 -0.93 36.18 -11.79
C GLY A 294 -2.01 35.42 -12.53
N LEU A 295 -2.28 34.18 -12.09
CA LEU A 295 -3.30 33.38 -12.77
C LEU A 295 -4.68 34.03 -12.63
N GLU A 296 -4.96 34.59 -11.45
CA GLU A 296 -6.27 35.23 -11.26
C GLU A 296 -6.44 36.39 -12.22
N ARG A 297 -5.39 37.19 -12.41
CA ARG A 297 -5.46 38.32 -13.34
C ARG A 297 -5.56 37.84 -14.77
N SER A 298 -5.02 36.66 -15.09
CA SER A 298 -5.11 36.20 -16.47
C SER A 298 -6.52 35.73 -16.80
N ASP A 299 -7.29 35.33 -15.79
CA ASP A 299 -8.67 34.88 -15.97
C ASP A 299 -8.76 33.59 -16.78
N CYS A 300 -7.67 32.85 -16.95
CA CYS A 300 -7.73 31.63 -17.76
C CYS A 300 -8.26 30.48 -16.91
N ARG A 301 -8.80 29.47 -17.58
CA ARG A 301 -9.12 28.27 -16.80
C ARG A 301 -7.86 27.49 -16.55
N PHE A 302 -7.86 26.69 -15.48
CA PHE A 302 -6.61 26.03 -15.12
C PHE A 302 -6.89 24.83 -14.22
N ILE A 303 -5.90 23.95 -14.18
CA ILE A 303 -5.75 22.93 -13.15
C ILE A 303 -4.34 23.13 -12.58
N TRP A 304 -4.26 23.35 -11.27
CA TRP A 304 -2.97 23.70 -10.68
C TRP A 304 -2.66 22.78 -9.50
N VAL A 305 -1.60 21.98 -9.63
CA VAL A 305 -1.12 21.16 -8.52
C VAL A 305 -0.28 22.03 -7.60
N VAL A 306 -0.75 22.25 -6.37
CA VAL A 306 -0.10 23.11 -5.39
C VAL A 306 0.33 22.22 -4.24
N LYS A 307 1.62 22.29 -3.89
CA LYS A 307 2.23 21.44 -2.86
C LYS A 307 2.19 19.96 -3.28
N ASP A 312 -3.16 15.33 2.52
CA ASP A 312 -4.60 15.09 2.56
C ASP A 312 -5.33 15.79 1.43
N LYS A 313 -5.88 15.05 0.48
CA LYS A 313 -6.21 15.65 -0.81
C LYS A 313 -7.37 16.64 -0.75
N ASP A 314 -8.22 16.55 0.26
CA ASP A 314 -9.41 17.39 0.32
C ASP A 314 -9.22 18.69 1.08
N ASP A 315 -7.99 19.02 1.49
CA ASP A 315 -7.82 20.17 2.36
C ASP A 315 -7.69 21.45 1.52
N LYS A 316 -8.59 22.38 1.77
CA LYS A 316 -8.51 23.72 1.21
C LYS A 316 -7.86 24.69 2.18
N SER A 317 -7.80 24.36 3.48
CA SER A 317 -7.51 25.35 4.51
C SER A 317 -6.14 26.00 4.27
N GLU A 318 -5.13 25.21 3.93
CA GLU A 318 -3.82 25.78 3.61
C GLU A 318 -3.92 26.74 2.43
N LEU A 319 -4.74 26.40 1.42
CA LEU A 319 -4.88 27.28 0.27
C LEU A 319 -5.61 28.57 0.65
N ARG A 320 -6.61 28.48 1.51
CA ARG A 320 -7.29 29.69 1.96
C ARG A 320 -6.34 30.55 2.78
N LYS A 321 -5.46 29.92 3.58
CA LYS A 321 -4.47 30.66 4.34
C LYS A 321 -3.42 31.28 3.42
N LEU A 322 -2.98 30.52 2.43
CA LEU A 322 -1.92 30.97 1.52
C LEU A 322 -2.37 32.17 0.70
N PHE A 323 -3.52 32.07 0.04
CA PHE A 323 -3.99 33.12 -0.84
C PHE A 323 -4.84 34.16 -0.13
N GLY A 324 -5.38 33.85 1.05
CA GLY A 324 -6.46 34.62 1.60
C GLY A 324 -7.78 34.29 0.90
N GLU A 325 -8.88 34.62 1.58
CA GLU A 325 -10.19 34.16 1.11
C GLU A 325 -10.58 34.74 -0.24
N GLU A 326 -10.36 36.04 -0.44
CA GLU A 326 -10.83 36.66 -1.68
C GLU A 326 -10.10 36.08 -2.88
N LEU A 327 -8.77 35.97 -2.81
CA LEU A 327 -8.04 35.45 -3.96
C LEU A 327 -8.31 33.97 -4.17
N TYR A 328 -8.46 33.21 -3.07
CA TYR A 328 -8.75 31.78 -3.21
C TYR A 328 -10.07 31.56 -3.93
N LEU A 329 -11.09 32.34 -3.58
CA LEU A 329 -12.39 32.22 -4.23
C LEU A 329 -12.35 32.66 -5.68
N LYS A 330 -11.64 33.74 -5.97
CA LYS A 330 -11.50 34.15 -7.37
C LYS A 330 -10.80 33.09 -8.19
N LEU A 331 -9.77 32.46 -7.62
CA LEU A 331 -9.06 31.39 -8.33
C LEU A 331 -9.99 30.21 -8.57
N SER A 332 -10.80 29.85 -7.56
CA SER A 332 -11.68 28.69 -7.63
C SER A 332 -12.85 28.90 -8.59
N GLU A 333 -13.14 30.14 -8.98
CA GLU A 333 -14.18 30.36 -9.98
C GLU A 333 -13.76 29.85 -11.35
N LYS A 334 -12.47 29.93 -11.65
CA LYS A 334 -11.92 29.65 -12.97
C LYS A 334 -11.15 28.34 -13.07
N GLY A 335 -10.55 27.87 -11.97
CA GLY A 335 -9.79 26.65 -12.05
C GLY A 335 -9.84 25.76 -10.83
N LYS A 336 -9.05 24.70 -10.83
CA LYS A 336 -8.99 23.72 -9.75
C LYS A 336 -7.61 23.75 -9.11
N LEU A 337 -7.60 23.94 -7.79
CA LEU A 337 -6.38 23.86 -6.99
C LEU A 337 -6.39 22.51 -6.31
N VAL A 338 -5.43 21.66 -6.62
CA VAL A 338 -5.48 20.27 -6.20
C VAL A 338 -4.10 19.83 -5.71
N LYS A 339 -4.09 18.74 -4.95
CA LYS A 339 -2.85 18.19 -4.43
C LYS A 339 -2.19 17.20 -5.38
N TRP A 340 -2.98 16.51 -6.21
CA TRP A 340 -2.39 15.47 -7.05
C TRP A 340 -3.36 15.14 -8.16
N VAL A 341 -2.82 14.84 -9.34
CA VAL A 341 -3.61 14.39 -10.47
C VAL A 341 -2.91 13.21 -11.13
N ASN A 342 -3.66 12.52 -11.99
CA ASN A 342 -3.09 11.65 -13.01
C ASN A 342 -2.63 12.54 -14.15
N GLN A 343 -1.35 12.94 -14.10
CA GLN A 343 -0.82 13.88 -15.10
C GLN A 343 -1.07 13.45 -16.53
N THR A 344 -0.80 12.18 -16.83
CA THR A 344 -0.95 11.71 -18.21
C THR A 344 -2.40 11.87 -18.68
N GLU A 345 -3.35 11.58 -17.80
CA GLU A 345 -4.77 11.71 -18.17
C GLU A 345 -5.14 13.17 -18.41
N ILE A 346 -4.61 14.06 -17.57
CA ILE A 346 -4.87 15.49 -17.73
C ILE A 346 -4.30 15.99 -19.05
N LEU A 347 -3.02 15.71 -19.30
CA LEU A 347 -2.38 16.21 -20.51
C LEU A 347 -3.01 15.64 -21.78
N GLY A 348 -3.62 14.45 -21.68
CA GLY A 348 -4.25 13.85 -22.84
C GLY A 348 -5.62 14.38 -23.15
N HIS A 349 -6.20 15.19 -22.29
CA HIS A 349 -7.58 15.64 -22.48
C HIS A 349 -7.62 16.80 -23.48
N THR A 350 -8.56 16.71 -24.42
CA THR A 350 -8.77 17.75 -25.42
C THR A 350 -8.88 19.14 -24.83
N ALA A 351 -9.39 19.28 -23.61
CA ALA A 351 -9.61 20.62 -23.07
C ALA A 351 -8.31 21.31 -22.65
N VAL A 352 -7.22 20.58 -22.45
CA VAL A 352 -6.00 21.20 -21.93
C VAL A 352 -5.25 21.85 -23.09
N GLY A 353 -4.97 23.14 -22.97
CA GLY A 353 -4.32 23.83 -24.07
C GLY A 353 -2.87 24.17 -23.83
N GLY A 354 -2.38 23.97 -22.62
CA GLY A 354 -1.01 24.35 -22.31
C GLY A 354 -0.59 23.75 -20.99
N PHE A 355 0.73 23.77 -20.77
CA PHE A 355 1.32 23.13 -19.61
C PHE A 355 2.43 24.03 -19.07
N LEU A 356 2.21 24.59 -17.88
CA LEU A 356 3.24 25.37 -17.21
C LEU A 356 4.02 24.40 -16.33
N SER A 357 5.32 24.24 -16.62
CA SER A 357 6.06 23.12 -16.06
C SER A 357 7.45 23.57 -15.65
N HIS A 358 8.00 22.89 -14.68
CA HIS A 358 9.40 23.02 -14.34
C HIS A 358 10.38 22.39 -15.31
N CYS A 359 9.86 21.54 -16.16
CA CYS A 359 10.60 20.83 -17.21
C CYS A 359 11.50 19.73 -16.62
N GLY A 360 11.03 19.06 -15.57
CA GLY A 360 11.55 17.73 -15.32
C GLY A 360 11.31 16.85 -16.53
N TRP A 361 12.21 15.90 -16.76
CA TRP A 361 12.20 15.22 -18.06
C TRP A 361 10.99 14.33 -18.24
N ASN A 362 10.47 13.72 -17.17
CA ASN A 362 9.22 12.97 -17.33
C ASN A 362 8.10 13.86 -17.84
N SER A 363 7.95 15.06 -17.26
CA SER A 363 6.85 15.93 -17.67
C SER A 363 7.04 16.40 -19.10
N VAL A 364 8.29 16.67 -19.50
CA VAL A 364 8.54 17.02 -20.90
C VAL A 364 8.07 15.90 -21.82
N MET A 365 8.49 14.68 -21.58
CA MET A 365 8.14 13.60 -22.42
C MET A 365 6.65 13.27 -22.52
N GLU A 366 5.95 13.37 -21.42
CA GLU A 366 4.51 13.21 -21.36
C GLU A 366 3.79 14.25 -22.19
N ALA A 367 4.21 15.49 -22.04
CA ALA A 367 3.68 16.55 -22.83
C ALA A 367 3.96 16.42 -24.27
N ALA A 368 5.16 16.00 -24.60
CA ALA A 368 5.52 15.83 -25.95
C ALA A 368 4.70 14.76 -26.62
N ARG A 369 4.47 13.69 -25.91
CA ARG A 369 3.71 12.62 -26.41
C ARG A 369 2.33 13.16 -26.76
N ARG A 370 1.80 14.07 -25.97
CA ARG A 370 0.53 14.67 -26.30
C ARG A 370 0.44 15.95 -27.13
N GLY A 371 1.58 16.48 -27.54
CA GLY A 371 1.61 17.73 -28.28
C GLY A 371 1.13 18.95 -27.51
N VAL A 372 1.32 18.98 -26.19
CA VAL A 372 0.82 20.06 -25.36
C VAL A 372 1.90 21.15 -25.27
N PRO A 373 1.62 22.38 -25.71
CA PRO A 373 2.66 23.43 -25.61
C PRO A 373 3.02 23.68 -24.15
N ILE A 374 4.30 23.95 -23.93
CA ILE A 374 4.88 24.08 -22.60
C ILE A 374 5.33 25.50 -22.38
N LEU A 375 4.98 26.06 -21.23
CA LEU A 375 5.63 27.27 -20.74
C LEU A 375 6.61 26.81 -19.67
N ALA A 376 7.90 27.04 -19.90
CA ALA A 376 8.93 26.40 -19.10
C ALA A 376 9.44 27.37 -18.04
N TRP A 377 9.28 27.01 -16.77
CA TRP A 377 9.88 27.76 -15.67
C TRP A 377 10.83 26.83 -14.92
N PRO A 378 11.96 26.47 -15.53
CA PRO A 378 12.86 25.52 -14.86
C PRO A 378 13.42 26.10 -13.57
N GLN A 379 13.79 25.20 -12.66
CA GLN A 379 14.37 25.60 -11.39
C GLN A 379 15.81 25.13 -11.18
N HIS A 380 16.26 24.07 -11.84
CA HIS A 380 17.61 23.55 -11.63
C HIS A 380 18.36 23.41 -12.96
N GLY A 381 19.59 22.90 -12.86
CA GLY A 381 20.46 22.83 -14.03
C GLY A 381 19.93 21.93 -15.13
N ASP A 382 19.50 20.70 -14.77
CA ASP A 382 19.00 19.83 -15.83
C ASP A 382 17.68 20.36 -16.40
N GLN A 383 16.87 21.02 -15.57
CA GLN A 383 15.60 21.56 -16.06
C GLN A 383 15.84 22.73 -17.01
N ARG A 384 16.88 23.53 -16.78
CA ARG A 384 17.17 24.61 -17.71
C ARG A 384 17.64 24.05 -19.05
N GLU A 385 18.43 22.98 -19.03
CA GLU A 385 18.81 22.33 -20.28
C GLU A 385 17.59 21.69 -20.95
N ASN A 386 16.74 21.03 -20.17
CA ASN A 386 15.52 20.48 -20.74
C ASN A 386 14.63 21.58 -21.32
N ALA A 387 14.56 22.74 -20.65
CA ALA A 387 13.73 23.80 -21.19
C ALA A 387 14.27 24.26 -22.54
N TRP A 388 15.60 24.32 -22.65
CA TRP A 388 16.20 24.67 -23.94
C TRP A 388 15.89 23.63 -25.01
N VAL A 389 15.90 22.34 -24.64
CA VAL A 389 15.51 21.30 -25.61
C VAL A 389 14.05 21.50 -26.03
N VAL A 390 13.18 21.79 -25.07
CA VAL A 390 11.75 22.01 -25.34
C VAL A 390 11.56 23.16 -26.33
N GLU A 391 12.29 24.27 -26.12
CA GLU A 391 12.19 25.42 -27.00
C GLU A 391 12.75 25.11 -28.40
N LYS A 392 13.89 24.42 -28.44
CA LYS A 392 14.52 24.08 -29.73
C LYS A 392 13.61 23.20 -30.58
N ALA A 393 12.88 22.27 -29.95
CA ALA A 393 12.01 21.38 -30.69
C ALA A 393 10.69 22.02 -31.11
N GLY A 394 10.37 23.22 -30.64
CA GLY A 394 9.08 23.83 -30.91
C GLY A 394 7.96 23.29 -30.05
N LEU A 395 8.29 22.64 -28.93
CA LEU A 395 7.29 22.17 -27.98
C LEU A 395 6.85 23.27 -27.03
N GLY A 396 7.62 24.34 -26.88
CA GLY A 396 7.25 25.33 -25.90
C GLY A 396 8.20 26.50 -25.90
N VAL A 397 8.03 27.33 -24.87
CA VAL A 397 8.78 28.56 -24.68
C VAL A 397 9.32 28.59 -23.25
N TRP A 398 10.57 29.04 -23.10
CA TRP A 398 11.30 29.09 -21.84
C TRP A 398 11.38 30.54 -21.38
N GLU A 399 10.75 30.84 -20.24
CA GLU A 399 10.83 32.15 -19.61
C GLU A 399 12.07 32.14 -18.72
N ARG A 400 13.18 32.69 -19.21
CA ARG A 400 14.46 32.52 -18.51
C ARG A 400 14.46 33.19 -17.14
N GLU A 401 13.78 34.33 -17.00
CA GLU A 401 13.83 35.10 -15.76
C GLU A 401 12.48 35.11 -15.07
N TRP A 402 11.76 33.99 -15.13
CA TRP A 402 10.42 33.92 -14.54
C TRP A 402 10.45 34.29 -13.07
N ALA A 403 11.49 33.88 -12.34
CA ALA A 403 11.55 34.21 -10.91
C ALA A 403 11.68 35.70 -10.64
N SER A 404 12.10 36.49 -11.63
CA SER A 404 12.30 37.92 -11.41
C SER A 404 11.00 38.72 -11.49
N GLY A 405 9.92 38.12 -11.98
CA GLY A 405 8.65 38.80 -12.05
C GLY A 405 7.53 37.84 -12.37
N ILE A 406 7.04 37.14 -11.34
CA ILE A 406 6.19 35.98 -11.56
C ILE A 406 4.84 36.38 -12.14
N GLN A 407 4.23 37.45 -11.61
CA GLN A 407 2.87 37.80 -12.06
C GLN A 407 2.88 38.27 -13.50
N ALA A 408 3.88 39.09 -13.87
CA ALA A 408 3.97 39.55 -15.26
C ALA A 408 4.28 38.37 -16.18
N ALA A 409 5.18 37.48 -15.77
CA ALA A 409 5.57 36.37 -16.62
C ALA A 409 4.36 35.49 -16.96
N ILE A 410 3.47 35.26 -15.99
CA ILE A 410 2.31 34.40 -16.27
C ILE A 410 1.26 35.16 -17.09
N VAL A 411 1.01 36.43 -16.76
CA VAL A 411 -0.01 37.19 -17.49
C VAL A 411 0.37 37.28 -18.97
N GLU A 412 1.62 37.64 -19.25
CA GLU A 412 2.04 37.80 -20.64
C GLU A 412 2.02 36.46 -21.37
N LYS A 413 2.62 35.41 -20.79
CA LYS A 413 2.90 34.23 -21.62
C LYS A 413 1.74 33.25 -21.71
N VAL A 414 0.78 33.29 -20.79
CA VAL A 414 -0.35 32.35 -20.89
C VAL A 414 -1.14 32.61 -22.16
N LYS A 415 -1.30 33.87 -22.54
CA LYS A 415 -2.02 34.18 -23.77
C LYS A 415 -1.25 33.72 -25.00
N MET A 416 0.08 33.58 -24.91
CA MET A 416 0.83 33.02 -26.02
C MET A 416 0.79 31.50 -26.05
N ILE A 417 0.98 30.87 -24.89
CA ILE A 417 0.90 29.41 -24.79
C ILE A 417 -0.43 28.90 -25.32
N MET A 418 -1.50 29.68 -25.15
CA MET A 418 -2.83 29.17 -25.41
C MET A 418 -3.52 29.87 -26.57
N GLY A 419 -2.81 30.73 -27.30
CA GLY A 419 -3.40 31.44 -28.41
C GLY A 419 -2.52 31.49 -29.65
N ASN A 420 -1.21 31.32 -29.49
CA ASN A 420 -0.29 31.43 -30.64
C ASN A 420 -0.41 30.18 -31.49
N ASN A 421 -0.86 30.35 -32.73
CA ASN A 421 -1.06 29.21 -33.62
C ASN A 421 0.24 28.56 -34.07
N ASP A 422 1.32 29.33 -34.20
CA ASP A 422 2.57 28.70 -34.63
C ASP A 422 3.09 27.75 -33.55
N LEU A 423 3.09 28.18 -32.29
CA LEU A 423 3.57 27.26 -31.26
C LEU A 423 2.59 26.11 -31.05
N ARG A 424 1.28 26.36 -31.21
CA ARG A 424 0.33 25.26 -31.13
C ARG A 424 0.57 24.22 -32.22
N LYS A 425 0.83 24.69 -33.43
CA LYS A 425 1.07 23.77 -34.54
C LYS A 425 2.42 23.06 -34.41
N SER A 426 3.49 23.77 -33.95
CA SER A 426 4.76 23.08 -33.77
C SER A 426 4.71 22.09 -32.61
N ALA A 427 3.96 22.41 -31.55
CA ALA A 427 3.81 21.45 -30.46
C ALA A 427 3.03 20.22 -30.92
N MET A 428 1.99 20.45 -31.74
CA MET A 428 1.25 19.34 -32.33
C MET A 428 2.14 18.43 -33.18
N LYS A 429 2.99 19.01 -34.04
CA LYS A 429 3.91 18.19 -34.83
C LYS A 429 4.84 17.37 -33.93
N VAL A 430 5.33 17.97 -32.83
CA VAL A 430 6.10 17.18 -31.87
C VAL A 430 5.29 15.97 -31.40
N GLY A 431 4.00 16.17 -31.10
CA GLY A 431 3.17 15.05 -30.67
C GLY A 431 3.01 13.98 -31.75
N GLU A 432 2.86 14.41 -33.00
CA GLU A 432 2.78 13.46 -34.11
C GLU A 432 4.09 12.68 -34.26
N GLU A 433 5.23 13.36 -34.09
CA GLU A 433 6.51 12.67 -34.18
C GLU A 433 6.70 11.73 -32.99
N ALA A 434 6.27 12.16 -31.80
CA ALA A 434 6.38 11.31 -30.62
C ALA A 434 5.52 10.05 -30.76
N LYS A 435 4.31 10.19 -31.30
CA LYS A 435 3.46 9.01 -31.52
C LYS A 435 4.08 8.07 -32.54
N ARG A 436 4.55 8.62 -33.66
CA ARG A 436 5.22 7.83 -34.69
C ARG A 436 6.40 7.05 -34.12
N ALA A 437 7.19 7.69 -33.23
CA ALA A 437 8.42 7.05 -32.76
C ALA A 437 8.13 5.78 -31.95
N CYS A 438 7.03 5.75 -31.21
CA CYS A 438 6.71 4.60 -30.37
C CYS A 438 5.68 3.67 -31.02
N ASP A 439 5.23 3.98 -32.23
CA ASP A 439 4.41 3.09 -33.03
C ASP A 439 5.24 2.04 -33.77
N VAL A 440 4.50 1.13 -34.44
CA VAL A 440 5.11 0.08 -35.23
C VAL A 440 5.93 0.71 -36.35
N GLY A 441 7.21 0.34 -36.43
CA GLY A 441 8.10 0.96 -37.39
C GLY A 441 8.71 2.26 -36.93
N GLY A 442 8.28 2.79 -35.79
CA GLY A 442 8.88 4.02 -35.29
C GLY A 442 10.33 3.83 -34.90
N SER A 443 11.05 4.95 -34.88
CA SER A 443 12.49 4.90 -34.61
C SER A 443 12.79 4.35 -33.21
N SER A 444 11.95 4.67 -32.22
CA SER A 444 12.19 4.15 -30.86
C SER A 444 11.74 2.69 -30.71
N ALA A 445 10.56 2.36 -31.22
CA ALA A 445 10.11 0.97 -31.18
C ALA A 445 11.07 0.02 -31.87
N THR A 446 11.57 0.41 -33.05
CA THR A 446 12.57 -0.40 -33.75
C THR A 446 13.81 -0.61 -32.88
N ALA A 447 14.33 0.48 -32.30
CA ALA A 447 15.53 0.38 -31.49
C ALA A 447 15.33 -0.61 -30.36
N LEU A 448 14.24 -0.47 -29.60
CA LEU A 448 14.01 -1.36 -28.47
C LEU A 448 13.79 -2.79 -28.95
N MET A 449 13.15 -2.97 -30.12
CA MET A 449 12.96 -4.33 -30.62
C MET A 449 14.27 -4.95 -31.05
N ASN A 450 15.19 -4.15 -31.61
CA ASN A 450 16.49 -4.69 -32.01
C ASN A 450 17.32 -5.09 -30.81
N ILE A 451 17.21 -4.36 -29.70
CA ILE A 451 17.91 -4.76 -28.48
C ILE A 451 17.39 -6.10 -28.00
N ILE A 452 16.06 -6.21 -27.86
CA ILE A 452 15.48 -7.45 -27.35
C ILE A 452 15.75 -8.60 -28.33
N GLY A 453 15.67 -8.33 -29.64
CA GLY A 453 15.95 -9.38 -30.61
C GLY A 453 17.39 -9.87 -30.53
N SER A 454 18.33 -8.96 -30.23
CA SER A 454 19.72 -9.35 -30.10
C SER A 454 19.95 -10.31 -28.93
N LEU A 455 19.00 -10.45 -28.02
CA LEU A 455 19.17 -11.37 -26.89
C LEU A 455 18.79 -12.81 -27.23
N LYS A 456 18.05 -13.03 -28.32
CA LYS A 456 17.62 -14.38 -28.70
C LYS A 456 18.59 -15.10 -29.65
N ASP B 18 14.66 -26.16 1.11
CA ASP B 18 14.81 -25.48 2.40
C ASP B 18 13.48 -24.94 2.97
N GLN B 19 13.38 -23.60 3.07
CA GLN B 19 12.33 -22.94 3.83
C GLN B 19 11.08 -22.70 2.99
N PRO B 20 9.92 -23.19 3.42
CA PRO B 20 8.71 -23.04 2.58
C PRO B 20 8.27 -21.60 2.43
N HIS B 21 7.79 -21.26 1.24
CA HIS B 21 7.16 -19.97 0.96
C HIS B 21 5.65 -20.18 1.00
N VAL B 22 4.98 -19.48 1.90
CA VAL B 22 3.53 -19.61 2.03
C VAL B 22 2.89 -18.24 1.88
N VAL B 23 1.63 -18.25 1.45
CA VAL B 23 0.83 -17.05 1.31
C VAL B 23 -0.24 -17.05 2.39
N VAL B 24 -0.37 -15.95 3.10
CA VAL B 24 -1.47 -15.72 4.02
C VAL B 24 -2.40 -14.73 3.34
N CYS B 25 -3.63 -15.15 3.11
CA CYS B 25 -4.62 -14.49 2.26
C CYS B 25 -5.75 -13.90 3.11
N SER B 26 -5.58 -12.66 3.58
CA SER B 26 -6.52 -12.03 4.49
C SER B 26 -7.67 -11.38 3.74
N GLY B 27 -8.74 -11.06 4.48
CA GLY B 27 -9.98 -10.58 3.89
C GLY B 27 -10.33 -9.12 4.14
N ALA B 28 -11.36 -8.85 4.96
CA ALA B 28 -11.69 -7.47 5.30
C ALA B 28 -12.27 -7.39 6.71
N GLY B 29 -12.07 -6.24 7.34
CA GLY B 29 -12.60 -6.00 8.66
C GLY B 29 -11.58 -6.33 9.73
N MET B 30 -11.44 -5.47 10.74
CA MET B 30 -10.34 -5.61 11.67
C MET B 30 -10.37 -6.95 12.39
N GLY B 31 -11.57 -7.44 12.70
CA GLY B 31 -11.69 -8.73 13.37
C GLY B 31 -11.27 -9.90 12.50
N HIS B 32 -11.39 -9.76 11.19
CA HIS B 32 -10.95 -10.85 10.33
C HIS B 32 -9.49 -10.73 9.94
N LEU B 33 -8.93 -9.52 9.93
CA LEU B 33 -7.52 -9.35 9.57
C LEU B 33 -6.60 -9.76 10.71
N THR B 34 -6.97 -9.41 11.96
CA THR B 34 -6.17 -9.62 13.15
C THR B 34 -5.59 -11.04 13.20
N PRO B 35 -6.40 -12.10 13.17
CA PRO B 35 -5.77 -13.44 13.25
C PRO B 35 -4.90 -13.77 12.04
N PHE B 36 -5.21 -13.24 10.86
CA PHE B 36 -4.35 -13.50 9.71
C PHE B 36 -2.99 -12.84 9.88
N LEU B 37 -2.96 -11.62 10.45
CA LEU B 37 -1.66 -11.01 10.74
C LEU B 37 -0.90 -11.80 11.80
N ASN B 38 -1.59 -12.28 12.84
CA ASN B 38 -0.92 -13.08 13.86
C ASN B 38 -0.33 -14.35 13.26
N LEU B 39 -1.05 -15.01 12.36
CA LEU B 39 -0.53 -16.24 11.76
C LEU B 39 0.67 -15.93 10.87
N ALA B 40 0.58 -14.88 10.05
CA ALA B 40 1.72 -14.48 9.22
C ALA B 40 2.94 -14.22 10.09
N SER B 41 2.75 -13.51 11.19
CA SER B 41 3.85 -13.24 12.12
C SER B 41 4.45 -14.53 12.68
N ALA B 42 3.59 -15.43 13.16
CA ALA B 42 4.09 -16.69 13.73
C ALA B 42 4.85 -17.52 12.69
N LEU B 43 4.31 -17.63 11.48
CA LEU B 43 4.93 -18.49 10.46
C LEU B 43 6.26 -17.96 9.97
N SER B 44 6.46 -16.64 10.01
CA SER B 44 7.72 -16.06 9.56
C SER B 44 8.82 -16.15 10.61
N SER B 45 8.48 -16.59 11.78
CA SER B 45 9.39 -16.65 12.88
C SER B 45 9.70 -18.06 13.28
N ALA B 46 10.73 -18.18 14.06
CA ALA B 46 11.05 -19.42 14.65
C ALA B 46 9.95 -19.85 15.62
N PRO B 47 9.51 -21.18 15.66
CA PRO B 47 10.25 -22.13 14.84
C PRO B 47 9.72 -22.48 13.49
N TYR B 48 8.67 -21.86 13.04
CA TYR B 48 8.13 -22.16 11.74
C TYR B 48 9.07 -21.79 10.61
N ASN B 49 9.67 -20.62 10.72
CA ASN B 49 10.64 -20.13 9.76
C ASN B 49 10.17 -20.33 8.31
N CYS B 50 8.99 -19.83 8.00
CA CYS B 50 8.64 -19.78 6.59
C CYS B 50 8.97 -18.42 6.00
N LYS B 51 9.08 -18.40 4.68
CA LYS B 51 8.96 -17.15 3.95
C LYS B 51 7.47 -16.90 3.80
N VAL B 52 7.02 -15.74 4.29
CA VAL B 52 5.60 -15.41 4.34
C VAL B 52 5.35 -14.22 3.44
N THR B 53 4.43 -14.38 2.49
CA THR B 53 3.83 -13.29 1.74
C THR B 53 2.41 -13.11 2.27
N LEU B 54 2.12 -11.92 2.80
CA LEU B 54 0.82 -11.58 3.35
C LEU B 54 0.04 -10.77 2.32
N LEU B 55 -1.06 -11.34 1.84
CA LEU B 55 -1.92 -10.68 0.87
C LEU B 55 -2.93 -9.80 1.59
N ILE B 56 -3.01 -8.54 1.18
CA ILE B 56 -3.96 -7.54 1.71
C ILE B 56 -4.91 -7.14 0.58
N VAL B 57 -6.22 -7.16 0.86
CA VAL B 57 -7.19 -6.66 -0.10
C VAL B 57 -7.26 -5.14 0.01
N ILE B 58 -7.06 -4.47 -1.10
CA ILE B 58 -7.14 -3.05 -1.12
C ILE B 58 -8.20 -2.61 -2.09
N PRO B 59 -8.85 -1.37 -1.94
CA PRO B 59 -8.63 -0.66 -0.67
C PRO B 59 -9.27 -1.19 0.59
N LEU B 60 -8.70 -0.80 1.69
CA LEU B 60 -9.24 -1.03 3.02
C LEU B 60 -10.51 -0.23 3.34
N ILE B 61 -11.39 -0.78 4.15
CA ILE B 61 -12.65 -0.13 4.45
C ILE B 61 -12.46 1.04 5.41
N THR B 62 -11.68 0.84 6.48
CA THR B 62 -11.51 1.85 7.52
C THR B 62 -10.07 2.36 7.56
N ASP B 63 -9.90 3.60 8.04
CA ASP B 63 -8.56 4.12 8.29
C ASP B 63 -7.86 3.35 9.39
N ALA B 64 -8.61 2.88 10.39
CA ALA B 64 -8.00 2.06 11.43
C ALA B 64 -7.36 0.81 10.82
N GLU B 65 -8.07 0.16 9.90
CA GLU B 65 -7.50 -0.97 9.17
C GLU B 65 -6.18 -0.57 8.52
N SER B 66 -6.20 0.56 7.81
CA SER B 66 -5.03 1.00 7.07
C SER B 66 -3.84 1.27 8.00
N HIS B 67 -4.07 2.04 9.07
CA HIS B 67 -3.01 2.26 10.05
C HIS B 67 -2.45 0.96 10.62
N HIS B 68 -3.33 0.02 10.99
CA HIS B 68 -2.87 -1.21 11.61
C HIS B 68 -2.02 -2.05 10.66
N ILE B 69 -2.35 -2.06 9.38
CA ILE B 69 -1.62 -2.88 8.42
C ILE B 69 -0.21 -2.33 8.17
N SER B 70 -0.10 -1.04 7.84
CA SER B 70 1.23 -0.51 7.56
C SER B 70 2.12 -0.57 8.80
N SER B 71 1.53 -0.40 9.99
CA SER B 71 2.27 -0.59 11.24
C SER B 71 2.72 -2.04 11.40
N PHE B 72 1.89 -3.01 11.02
CA PHE B 72 2.29 -4.41 11.08
C PHE B 72 3.50 -4.68 10.18
N PHE B 73 3.46 -4.23 8.93
CA PHE B 73 4.59 -4.49 8.05
C PHE B 73 5.85 -3.76 8.53
N SER B 74 5.69 -2.58 9.14
CA SER B 74 6.83 -1.88 9.73
C SER B 74 7.52 -2.72 10.80
N SER B 75 6.73 -3.34 11.68
CA SER B 75 7.32 -4.11 12.76
C SER B 75 7.70 -5.52 12.34
N HIS B 76 7.39 -5.90 11.10
CA HIS B 76 7.74 -7.22 10.59
C HIS B 76 8.39 -7.06 9.22
N PRO B 77 9.58 -6.46 9.17
CA PRO B 77 10.20 -6.17 7.87
C PRO B 77 10.46 -7.41 7.05
N THR B 78 10.45 -8.58 7.68
CA THR B 78 10.73 -9.85 7.02
C THR B 78 9.54 -10.37 6.22
N ILE B 79 8.35 -9.87 6.48
CA ILE B 79 7.14 -10.39 5.83
C ILE B 79 6.83 -9.56 4.59
N HIS B 80 6.55 -10.25 3.50
CA HIS B 80 6.37 -9.61 2.21
C HIS B 80 4.90 -9.24 2.04
N ARG B 81 4.65 -8.06 1.51
CA ARG B 81 3.31 -7.52 1.34
C ARG B 81 2.87 -7.72 -0.10
N LEU B 82 1.68 -8.28 -0.29
CA LEU B 82 1.13 -8.36 -1.64
C LEU B 82 -0.25 -7.72 -1.62
N ASP B 83 -0.39 -6.61 -2.33
CA ASP B 83 -1.66 -5.90 -2.40
C ASP B 83 -2.50 -6.50 -3.51
N PHE B 84 -3.74 -6.84 -3.19
CA PHE B 84 -4.68 -7.43 -4.14
C PHE B 84 -5.84 -6.45 -4.28
N HIS B 85 -5.87 -5.74 -5.41
CA HIS B 85 -6.85 -4.68 -5.59
C HIS B 85 -8.20 -5.23 -6.00
N VAL B 86 -9.22 -4.92 -5.22
CA VAL B 86 -10.60 -5.26 -5.52
C VAL B 86 -11.40 -3.97 -5.44
N ASN B 87 -12.06 -3.61 -6.53
CA ASN B 87 -12.79 -2.34 -6.58
C ASN B 87 -13.86 -2.31 -5.50
N LEU B 88 -14.01 -1.15 -4.88
CA LEU B 88 -15.06 -1.03 -3.88
C LEU B 88 -16.42 -1.09 -4.55
N PRO B 89 -17.33 -1.93 -4.06
CA PRO B 89 -18.69 -1.93 -4.59
C PRO B 89 -19.44 -0.67 -4.20
N ALA B 90 -20.33 -0.23 -5.10
CA ALA B 90 -21.18 0.91 -4.78
C ALA B 90 -22.10 0.53 -3.62
N PRO B 91 -22.27 1.42 -2.63
CA PRO B 91 -23.19 1.11 -1.53
C PRO B 91 -24.62 1.01 -2.05
N LYS B 92 -25.42 0.19 -1.34
CA LYS B 92 -26.80 -0.02 -1.70
C LYS B 92 -27.68 0.27 -0.49
N PRO B 93 -28.85 0.89 -0.68
CA PRO B 93 -29.74 1.13 0.47
C PRO B 93 -30.14 -0.19 1.11
N ASN B 94 -30.05 -0.23 2.46
CA ASN B 94 -30.44 -1.36 3.29
C ASN B 94 -29.55 -2.57 3.09
N VAL B 95 -28.33 -2.38 2.62
CA VAL B 95 -27.38 -3.48 2.49
C VAL B 95 -26.12 -3.11 3.27
N ASP B 96 -25.77 -3.95 4.23
CA ASP B 96 -24.65 -3.69 5.11
C ASP B 96 -23.36 -3.51 4.30
N PRO B 97 -22.64 -2.38 4.46
CA PRO B 97 -21.43 -2.16 3.65
C PRO B 97 -20.38 -3.24 3.76
N PHE B 98 -20.16 -3.81 4.96
CA PHE B 98 -19.16 -4.86 5.07
C PHE B 98 -19.58 -6.11 4.32
N PHE B 99 -20.88 -6.45 4.37
CA PHE B 99 -21.37 -7.56 3.56
C PHE B 99 -21.14 -7.32 2.08
N LEU B 100 -21.41 -6.09 1.61
CA LEU B 100 -21.12 -5.78 0.20
C LEU B 100 -19.63 -5.95 -0.09
N ARG B 101 -18.78 -5.53 0.84
CA ARG B 101 -17.34 -5.68 0.62
C ARG B 101 -16.95 -7.16 0.60
N TYR B 102 -17.43 -7.95 1.58
CA TYR B 102 -17.19 -9.40 1.57
C TYR B 102 -17.58 -10.02 0.23
N LYS B 103 -18.76 -9.68 -0.29
CA LYS B 103 -19.20 -10.29 -1.55
C LYS B 103 -18.25 -9.91 -2.68
N SER B 104 -17.90 -8.62 -2.75
CA SER B 104 -16.85 -8.11 -3.61
C SER B 104 -15.57 -8.95 -3.57
N ILE B 105 -15.15 -9.38 -2.37
CA ILE B 105 -13.91 -10.13 -2.25
C ILE B 105 -14.10 -11.55 -2.75
N SER B 106 -15.17 -12.19 -2.30
CA SER B 106 -15.53 -13.50 -2.80
C SER B 106 -15.62 -13.53 -4.32
N ASP B 107 -16.23 -12.51 -4.93
CA ASP B 107 -16.45 -12.45 -6.38
C ASP B 107 -15.16 -12.29 -7.17
N SER B 108 -14.07 -11.86 -6.56
CA SER B 108 -12.82 -11.63 -7.25
C SER B 108 -11.76 -12.67 -6.94
N ALA B 109 -12.06 -13.65 -6.09
CA ALA B 109 -11.04 -14.60 -5.65
C ALA B 109 -10.50 -15.42 -6.81
N HIS B 110 -11.32 -15.69 -7.82
CA HIS B 110 -10.88 -16.42 -9.01
C HIS B 110 -9.72 -15.76 -9.72
N ARG B 111 -9.47 -14.46 -9.47
CA ARG B 111 -8.40 -13.72 -10.14
C ARG B 111 -7.03 -13.95 -9.51
N LEU B 112 -6.98 -14.63 -8.37
CA LEU B 112 -5.73 -14.85 -7.66
C LEU B 112 -4.61 -15.57 -8.45
N PRO B 113 -4.87 -16.54 -9.35
CA PRO B 113 -3.73 -17.24 -9.99
C PRO B 113 -2.67 -16.31 -10.56
N VAL B 114 -3.05 -15.29 -11.32
CA VAL B 114 -2.03 -14.44 -11.92
C VAL B 114 -1.19 -13.75 -10.83
N HIS B 115 -1.80 -13.41 -9.70
CA HIS B 115 -1.04 -12.69 -8.68
C HIS B 115 -0.09 -13.61 -7.92
N LEU B 116 -0.49 -14.85 -7.67
CA LEU B 116 0.36 -15.74 -6.88
C LEU B 116 1.48 -16.36 -7.72
N SER B 117 1.31 -16.44 -9.04
CA SER B 117 2.27 -17.16 -9.88
C SER B 117 3.59 -16.42 -10.01
N ALA B 118 3.58 -15.10 -9.91
CA ALA B 118 4.82 -14.35 -9.96
C ALA B 118 5.64 -14.46 -8.69
N LEU B 119 5.11 -15.04 -7.66
CA LEU B 119 5.83 -15.12 -6.43
C LEU B 119 6.98 -16.12 -6.49
N SER B 120 8.05 -15.77 -5.85
CA SER B 120 9.24 -16.55 -5.82
C SER B 120 9.83 -16.60 -4.43
N PRO B 121 10.37 -17.79 -3.90
CA PRO B 121 10.16 -18.98 -4.71
C PRO B 121 8.75 -19.49 -4.71
N PRO B 122 8.60 -20.56 -5.59
CA PRO B 122 7.22 -20.98 -5.77
C PRO B 122 6.54 -21.37 -4.47
N ILE B 123 5.31 -20.99 -4.30
CA ILE B 123 4.64 -21.08 -3.01
C ILE B 123 4.22 -22.51 -2.75
N SER B 124 4.30 -22.92 -1.49
CA SER B 124 3.97 -24.28 -1.09
C SER B 124 2.52 -24.41 -0.64
N ALA B 125 1.93 -23.32 -0.16
CA ALA B 125 0.59 -23.41 0.41
C ALA B 125 0.02 -22.00 0.57
N VAL B 126 -1.30 -21.94 0.68
CA VAL B 126 -1.99 -20.71 1.01
C VAL B 126 -2.87 -20.96 2.23
N PHE B 127 -2.93 -19.96 3.11
CA PHE B 127 -3.81 -19.93 4.28
C PHE B 127 -4.79 -18.79 4.08
N SER B 128 -6.06 -19.10 3.86
CA SER B 128 -6.95 -18.13 3.24
C SER B 128 -8.23 -17.90 4.03
N ASP B 129 -8.74 -16.68 3.91
CA ASP B 129 -10.05 -16.35 4.47
C ASP B 129 -11.12 -17.16 3.74
N PHE B 130 -12.22 -17.40 4.46
CA PHE B 130 -13.35 -18.17 3.93
C PHE B 130 -13.89 -17.58 2.61
N LEU B 131 -13.81 -16.25 2.41
CA LEU B 131 -14.31 -15.66 1.17
C LEU B 131 -13.55 -16.09 -0.08
N PHE B 132 -12.32 -16.59 0.05
CA PHE B 132 -11.53 -17.01 -1.10
C PHE B 132 -11.75 -18.48 -1.49
N THR B 133 -12.65 -19.19 -0.81
CA THR B 133 -12.66 -20.66 -0.92
C THR B 133 -13.00 -21.13 -2.32
N GLN B 134 -14.09 -20.62 -2.89
CA GLN B 134 -14.44 -21.02 -4.26
C GLN B 134 -13.36 -20.61 -5.26
N GLY B 135 -12.90 -19.36 -5.21
CA GLY B 135 -11.88 -18.92 -6.17
C GLY B 135 -10.62 -19.77 -6.12
N LEU B 136 -10.02 -19.92 -4.93
CA LEU B 136 -8.80 -20.69 -4.81
C LEU B 136 -9.02 -22.18 -5.15
N ASN B 137 -10.09 -22.78 -4.63
CA ASN B 137 -10.21 -24.22 -4.86
C ASN B 137 -10.68 -24.56 -6.27
N THR B 138 -11.19 -23.60 -7.06
CA THR B 138 -11.47 -23.88 -8.46
C THR B 138 -10.31 -23.47 -9.38
N THR B 139 -9.71 -22.30 -9.18
CA THR B 139 -8.68 -21.89 -10.14
C THR B 139 -7.29 -22.36 -9.77
N LEU B 140 -7.03 -22.71 -8.50
CA LEU B 140 -5.72 -23.21 -8.08
C LEU B 140 -5.89 -24.54 -7.38
N PRO B 141 -6.43 -25.55 -8.07
CA PRO B 141 -6.80 -26.80 -7.37
C PRO B 141 -5.61 -27.59 -6.88
N HIS B 142 -4.40 -27.34 -7.40
CA HIS B 142 -3.21 -28.08 -7.04
C HIS B 142 -2.40 -27.40 -5.93
N LEU B 143 -2.83 -26.22 -5.49
CA LEU B 143 -2.13 -25.51 -4.42
C LEU B 143 -2.82 -25.83 -3.12
N PRO B 144 -2.14 -26.50 -2.16
CA PRO B 144 -2.77 -26.78 -0.86
C PRO B 144 -3.32 -25.51 -0.23
N ASN B 145 -4.63 -25.49 0.00
CA ASN B 145 -5.32 -24.34 0.56
C ASN B 145 -5.90 -24.71 1.92
N TYR B 146 -5.42 -24.03 2.96
CA TYR B 146 -5.93 -24.17 4.31
C TYR B 146 -6.89 -23.03 4.57
N THR B 147 -8.16 -23.36 4.76
CA THR B 147 -9.18 -22.34 4.99
C THR B 147 -9.16 -22.03 6.47
N PHE B 148 -8.89 -20.76 6.81
CA PHE B 148 -8.66 -20.30 8.17
C PHE B 148 -9.91 -19.51 8.54
N THR B 149 -10.81 -20.13 9.29
CA THR B 149 -11.97 -19.45 9.86
C THR B 149 -11.57 -18.63 11.08
N THR B 150 -12.19 -17.47 11.23
CA THR B 150 -11.89 -16.58 12.35
C THR B 150 -12.85 -16.69 13.52
N THR B 151 -13.87 -17.56 13.44
CA THR B 151 -14.85 -17.73 14.52
C THR B 151 -14.54 -19.00 15.32
N SER B 152 -15.28 -19.19 16.42
CA SER B 152 -15.32 -20.47 17.15
C SER B 152 -15.51 -21.68 16.22
N ALA B 153 -14.90 -22.81 16.60
CA ALA B 153 -15.27 -24.08 15.98
C ALA B 153 -16.77 -24.34 16.04
N ARG B 154 -17.41 -23.94 17.14
CA ARG B 154 -18.85 -24.14 17.28
C ARG B 154 -19.63 -23.38 16.20
N PHE B 155 -19.34 -22.07 16.05
CA PHE B 155 -20.10 -21.32 15.06
C PHE B 155 -19.69 -21.70 13.64
N PHE B 156 -18.42 -22.07 13.44
CA PHE B 156 -18.02 -22.53 12.12
C PHE B 156 -18.85 -23.73 11.67
N THR B 157 -19.12 -24.66 12.60
CA THR B 157 -19.95 -25.81 12.29
C THR B 157 -21.29 -25.38 11.69
N LEU B 158 -21.95 -24.42 12.35
CA LEU B 158 -23.18 -23.85 11.83
C LEU B 158 -23.00 -23.32 10.41
N MET B 159 -21.97 -22.50 10.19
CA MET B 159 -21.81 -21.88 8.88
C MET B 159 -21.63 -22.92 7.79
N SER B 160 -20.84 -23.97 8.06
CA SER B 160 -20.61 -24.99 7.04
C SER B 160 -21.87 -25.79 6.74
N TYR B 161 -22.86 -25.75 7.64
CA TYR B 161 -24.13 -26.40 7.46
C TYR B 161 -25.14 -25.52 6.73
N VAL B 162 -24.82 -24.25 6.47
CA VAL B 162 -25.79 -23.35 5.84
C VAL B 162 -26.26 -23.87 4.48
N PRO B 163 -25.43 -24.49 3.64
CA PRO B 163 -25.97 -25.02 2.37
C PRO B 163 -27.14 -25.96 2.54
N HIS B 164 -27.23 -26.66 3.67
CA HIS B 164 -28.28 -27.63 3.97
C HIS B 164 -29.44 -27.05 4.77
N LEU B 165 -29.49 -25.74 4.95
CA LEU B 165 -30.65 -25.10 5.58
C LEU B 165 -31.64 -24.58 4.54
N SER B 169 -37.30 -25.52 7.55
CA SER B 169 -38.02 -24.87 8.63
C SER B 169 -37.13 -23.82 9.30
N SER B 170 -37.57 -22.55 9.22
CA SER B 170 -36.81 -21.41 9.72
C SER B 170 -36.85 -21.28 11.23
N SER B 171 -37.84 -21.88 11.92
CA SER B 171 -38.02 -21.66 13.35
C SER B 171 -38.29 -22.98 14.07
N SER B 172 -37.24 -23.80 14.13
CA SER B 172 -37.14 -25.01 14.93
C SER B 172 -35.65 -25.27 15.05
N PRO B 173 -35.16 -25.75 16.19
CA PRO B 173 -33.70 -25.84 16.39
C PRO B 173 -32.99 -26.58 15.27
N VAL B 174 -31.80 -26.12 14.92
CA VAL B 174 -30.99 -26.79 13.91
C VAL B 174 -30.12 -27.81 14.64
N GLU B 175 -30.26 -29.07 14.26
CA GLU B 175 -29.56 -30.17 14.92
C GLU B 175 -28.63 -30.81 13.90
N ILE B 176 -27.36 -30.44 13.96
CA ILE B 176 -26.32 -31.13 13.18
C ILE B 176 -25.96 -32.41 13.92
N PRO B 177 -25.94 -33.55 13.23
CA PRO B 177 -25.71 -34.83 13.92
C PRO B 177 -24.40 -34.83 14.68
N GLY B 178 -24.46 -35.27 15.94
CA GLY B 178 -23.31 -35.33 16.81
C GLY B 178 -23.04 -34.08 17.60
N LEU B 179 -23.74 -32.98 17.31
CA LEU B 179 -23.55 -31.72 18.00
C LEU B 179 -24.76 -31.36 18.85
N GLU B 180 -24.51 -30.64 19.94
CA GLU B 180 -25.58 -30.00 20.67
C GLU B 180 -26.35 -29.07 19.74
N PRO B 181 -27.69 -29.09 19.78
CA PRO B 181 -28.48 -28.33 18.81
C PRO B 181 -28.25 -26.82 18.88
N PHE B 182 -28.45 -26.15 17.74
CA PHE B 182 -28.37 -24.70 17.64
C PHE B 182 -29.75 -24.09 17.77
N PRO B 183 -30.09 -23.44 18.89
CA PRO B 183 -31.43 -22.87 19.03
C PRO B 183 -31.67 -21.78 18.02
N THR B 184 -32.96 -21.57 17.70
CA THR B 184 -33.33 -20.61 16.67
C THR B 184 -32.80 -19.21 16.97
N ASP B 185 -32.76 -18.83 18.25
CA ASP B 185 -32.36 -17.47 18.61
C ASP B 185 -30.86 -17.22 18.47
N ASN B 186 -30.06 -18.23 18.13
CA ASN B 186 -28.65 -17.98 17.90
C ASN B 186 -28.24 -18.14 16.43
N ILE B 187 -29.19 -18.37 15.53
CA ILE B 187 -28.89 -18.48 14.11
C ILE B 187 -29.25 -17.15 13.45
N PRO B 188 -28.31 -16.46 12.80
CA PRO B 188 -28.65 -15.24 12.06
C PRO B 188 -29.82 -15.50 11.12
N PRO B 189 -30.90 -14.73 11.23
CA PRO B 189 -32.10 -15.02 10.44
C PRO B 189 -31.82 -15.07 8.95
N PRO B 190 -30.91 -14.25 8.41
CA PRO B 190 -30.54 -14.43 6.99
C PRO B 190 -30.12 -15.84 6.60
N PHE B 191 -29.54 -16.64 7.51
CA PHE B 191 -29.03 -17.98 7.14
C PHE B 191 -30.11 -18.87 6.53
N PHE B 192 -31.39 -18.57 6.78
CA PHE B 192 -32.50 -19.33 6.22
C PHE B 192 -32.99 -18.80 4.87
N ASN B 193 -32.40 -17.72 4.37
CA ASN B 193 -32.75 -17.18 3.05
C ASN B 193 -31.54 -17.30 2.12
N PRO B 194 -31.56 -18.21 1.13
CA PRO B 194 -30.36 -18.43 0.30
C PRO B 194 -30.03 -17.26 -0.60
N GLU B 195 -30.92 -16.29 -0.75
CA GLU B 195 -30.69 -15.12 -1.58
C GLU B 195 -30.34 -13.87 -0.80
N HIS B 196 -30.17 -13.96 0.51
CA HIS B 196 -29.57 -12.87 1.25
C HIS B 196 -28.07 -12.79 0.92
N ILE B 197 -27.55 -11.57 0.89
CA ILE B 197 -26.20 -11.34 0.39
C ILE B 197 -25.17 -12.12 1.21
N PHE B 198 -25.30 -12.09 2.53
CA PHE B 198 -24.37 -12.83 3.37
C PHE B 198 -24.52 -14.33 3.15
N THR B 199 -25.75 -14.83 3.23
CA THR B 199 -25.99 -16.26 3.03
C THR B 199 -25.44 -16.73 1.69
N SER B 200 -25.56 -15.89 0.66
CA SER B 200 -25.20 -16.28 -0.70
C SER B 200 -23.70 -16.56 -0.83
N PHE B 201 -22.84 -15.63 -0.42
CA PHE B 201 -21.42 -15.96 -0.47
C PHE B 201 -21.01 -16.96 0.61
N THR B 202 -21.80 -17.12 1.68
CA THR B 202 -21.50 -18.20 2.62
C THR B 202 -21.72 -19.55 1.97
N ILE B 203 -22.85 -19.72 1.27
CA ILE B 203 -23.14 -20.99 0.60
C ILE B 203 -22.13 -21.27 -0.50
N SER B 204 -21.85 -20.27 -1.34
CA SER B 204 -20.96 -20.50 -2.48
C SER B 204 -19.56 -20.88 -2.02
N ASN B 205 -19.12 -20.38 -0.88
CA ASN B 205 -17.77 -20.74 -0.44
C ASN B 205 -17.77 -22.02 0.40
N ALA B 206 -18.78 -22.23 1.24
CA ALA B 206 -18.84 -23.47 2.01
C ALA B 206 -18.92 -24.68 1.10
N LYS B 207 -19.56 -24.54 -0.05
CA LYS B 207 -19.68 -25.66 -0.98
C LYS B 207 -18.33 -26.19 -1.47
N TYR B 208 -17.23 -25.45 -1.28
CA TYR B 208 -15.91 -25.91 -1.71
C TYR B 208 -14.95 -26.20 -0.56
N PHE B 209 -15.43 -26.22 0.69
CA PHE B 209 -14.57 -26.60 1.81
C PHE B 209 -13.97 -27.98 1.63
N SER B 210 -14.70 -28.91 1.00
CA SER B 210 -14.21 -30.26 0.81
C SER B 210 -12.91 -30.32 0.03
N LEU B 211 -12.62 -29.31 -0.79
CA LEU B 211 -11.38 -29.29 -1.56
C LEU B 211 -10.24 -28.60 -0.82
N SER B 212 -10.51 -27.92 0.30
CA SER B 212 -9.42 -27.38 1.07
C SER B 212 -8.68 -28.52 1.76
N LYS B 213 -7.37 -28.31 1.96
CA LYS B 213 -6.59 -29.35 2.61
C LYS B 213 -6.96 -29.48 4.09
N GLY B 214 -7.45 -28.40 4.70
CA GLY B 214 -7.93 -28.42 6.07
C GLY B 214 -8.61 -27.11 6.38
N ILE B 215 -9.36 -27.12 7.48
CA ILE B 215 -9.92 -25.93 8.09
C ILE B 215 -9.09 -25.63 9.34
N LEU B 216 -8.49 -24.45 9.40
CA LEU B 216 -7.81 -24.01 10.60
C LEU B 216 -8.74 -23.12 11.43
N VAL B 217 -8.70 -23.31 12.74
CA VAL B 217 -9.53 -22.56 13.68
C VAL B 217 -8.65 -21.97 14.76
N ASN B 218 -8.90 -20.71 15.09
CA ASN B 218 -8.17 -20.05 16.17
C ASN B 218 -8.81 -20.47 17.50
N THR B 219 -8.53 -21.71 17.89
CA THR B 219 -9.05 -22.30 19.11
C THR B 219 -8.05 -23.37 19.55
N PHE B 220 -8.34 -24.03 20.68
CA PHE B 220 -7.47 -25.10 21.13
C PHE B 220 -8.30 -26.27 21.61
N ASP B 221 -7.70 -27.47 21.52
CA ASP B 221 -8.41 -28.72 21.77
C ASP B 221 -9.18 -28.73 23.10
N SER B 222 -8.54 -28.26 24.20
CA SER B 222 -9.22 -28.32 25.49
C SER B 222 -10.38 -27.34 25.59
N PHE B 223 -10.44 -26.36 24.68
CA PHE B 223 -11.46 -25.31 24.76
C PHE B 223 -12.77 -25.75 24.13
N GLU B 224 -12.72 -26.49 23.03
CA GLU B 224 -13.92 -26.99 22.37
C GLU B 224 -13.75 -28.47 22.04
N PRO B 225 -13.52 -29.33 23.04
CA PRO B 225 -13.21 -30.73 22.73
C PRO B 225 -14.37 -31.48 22.09
N GLU B 226 -15.61 -31.19 22.46
CA GLU B 226 -16.71 -31.96 21.90
C GLU B 226 -17.09 -31.52 20.49
N THR B 227 -17.04 -30.22 20.19
CA THR B 227 -17.21 -29.80 18.80
C THR B 227 -16.14 -30.39 17.91
N LEU B 228 -14.88 -30.36 18.36
CA LEU B 228 -13.78 -30.78 17.51
C LEU B 228 -13.79 -32.29 17.27
N SER B 229 -14.09 -33.09 18.30
CA SER B 229 -14.15 -34.53 18.05
C SER B 229 -15.30 -34.88 17.11
N ALA B 230 -16.43 -34.20 17.24
CA ALA B 230 -17.52 -34.43 16.30
C ALA B 230 -17.12 -34.04 14.87
N LEU B 231 -16.48 -32.88 14.71
CA LEU B 231 -16.09 -32.48 13.37
C LEU B 231 -15.12 -33.48 12.76
N ASN B 232 -14.20 -34.02 13.56
CA ASN B 232 -13.09 -34.81 13.03
C ASN B 232 -13.27 -36.32 13.12
N SER B 233 -14.28 -36.81 13.81
CA SER B 233 -14.50 -38.26 13.81
C SER B 233 -15.17 -38.73 12.53
N GLY B 234 -15.90 -37.84 11.86
CA GLY B 234 -16.93 -38.25 10.93
C GLY B 234 -18.24 -38.07 11.65
N ASP B 235 -19.14 -37.28 11.09
CA ASP B 235 -20.30 -36.78 11.82
C ASP B 235 -21.43 -37.80 11.98
N SER B 238 -20.20 -35.36 7.19
CA SER B 238 -19.86 -34.25 6.31
C SER B 238 -18.63 -34.56 5.45
N ASP B 239 -18.45 -33.76 4.40
CA ASP B 239 -17.26 -33.83 3.56
C ASP B 239 -16.24 -32.74 3.91
N LEU B 240 -16.24 -32.27 5.15
CA LEU B 240 -15.21 -31.34 5.55
C LEU B 240 -13.85 -32.03 5.53
N PRO B 241 -12.78 -31.31 5.22
CA PRO B 241 -11.44 -31.82 5.49
C PRO B 241 -11.17 -31.76 6.98
N PRO B 242 -10.00 -32.22 7.44
CA PRO B 242 -9.70 -32.12 8.88
C PRO B 242 -9.85 -30.70 9.41
N VAL B 243 -10.48 -30.59 10.58
CA VAL B 243 -10.63 -29.32 11.28
C VAL B 243 -9.58 -29.26 12.38
N ILE B 244 -8.66 -28.30 12.26
CA ILE B 244 -7.41 -28.27 13.00
C ILE B 244 -7.28 -27.03 13.87
N PRO B 245 -7.30 -27.18 15.19
CA PRO B 245 -7.08 -26.00 16.07
C PRO B 245 -5.63 -25.56 16.01
N ILE B 246 -5.44 -24.27 15.85
CA ILE B 246 -4.15 -23.64 15.86
C ILE B 246 -3.94 -22.50 16.86
N GLY B 247 -4.87 -22.25 17.73
CA GLY B 247 -4.79 -21.16 18.67
C GLY B 247 -4.56 -21.50 20.11
N PRO B 248 -4.34 -20.51 21.09
CA PRO B 248 -4.27 -19.14 20.60
C PRO B 248 -3.05 -18.75 19.82
N LEU B 249 -3.26 -17.84 18.91
CA LEU B 249 -2.21 -17.35 18.07
C LEU B 249 -1.41 -16.28 18.78
N ASN B 250 -0.11 -16.44 18.76
CA ASN B 250 0.77 -15.53 19.46
C ASN B 250 0.65 -14.08 18.96
N GLU B 251 0.73 -13.14 19.89
CA GLU B 251 0.40 -11.72 19.65
C GLU B 251 1.67 -10.98 19.41
N GLN B 257 3.75 0.94 22.65
CA GLN B 257 3.36 0.49 23.98
C GLN B 257 2.07 1.20 24.39
N GLU B 258 1.29 0.57 25.26
CA GLU B 258 -0.03 1.06 25.68
C GLU B 258 0.11 2.19 26.68
N GLU B 259 -0.51 3.34 26.40
CA GLU B 259 -0.30 4.50 27.27
C GLU B 259 -1.00 4.36 28.63
N LEU B 260 -1.86 3.38 28.84
CA LEU B 260 -2.47 3.14 30.14
C LEU B 260 -1.64 2.21 31.02
N LEU B 261 -0.54 1.64 30.53
CA LEU B 261 0.22 0.70 31.35
C LEU B 261 0.81 1.31 32.62
N PRO B 262 1.35 2.55 32.63
CA PRO B 262 1.81 3.10 33.93
C PRO B 262 0.71 3.27 34.97
N TRP B 263 -0.51 3.64 34.57
CA TRP B 263 -1.62 3.69 35.52
C TRP B 263 -1.99 2.30 36.02
N LEU B 264 -2.11 1.34 35.08
CA LEU B 264 -2.40 -0.04 35.47
C LEU B 264 -1.35 -0.57 36.42
N ASP B 265 -0.08 -0.16 36.24
CA ASP B 265 0.97 -0.64 37.14
C ASP B 265 0.75 -0.18 38.58
N GLN B 266 -0.09 0.83 38.80
CA GLN B 266 -0.34 1.29 40.14
C GLN B 266 -1.62 0.72 40.72
N GLN B 267 -2.29 -0.21 39.99
CA GLN B 267 -3.51 -0.75 40.58
C GLN B 267 -3.28 -2.14 41.16
N PRO B 268 -4.04 -2.52 42.18
CA PRO B 268 -3.86 -3.84 42.77
C PRO B 268 -4.20 -4.93 41.74
N GLU B 269 -3.52 -6.06 41.88
CA GLU B 269 -3.76 -7.22 41.02
C GLU B 269 -5.26 -7.50 40.89
N LYS B 270 -5.73 -7.70 39.66
CA LYS B 270 -7.09 -8.18 39.40
C LYS B 270 -8.17 -7.22 39.88
N SER B 271 -7.87 -5.93 39.99
CA SER B 271 -8.85 -4.98 40.50
C SER B 271 -9.54 -4.18 39.40
N VAL B 272 -9.13 -4.32 38.14
CA VAL B 272 -9.61 -3.44 37.07
C VAL B 272 -10.47 -4.24 36.10
N LEU B 273 -11.65 -3.72 35.80
CA LEU B 273 -12.53 -4.33 34.81
C LEU B 273 -12.28 -3.68 33.45
N TYR B 274 -12.06 -4.51 32.43
CA TYR B 274 -11.87 -4.04 31.07
C TYR B 274 -13.19 -4.17 30.33
N VAL B 275 -13.61 -3.10 29.65
CA VAL B 275 -14.91 -3.07 28.98
C VAL B 275 -14.66 -2.69 27.53
N SER B 276 -15.05 -3.59 26.61
CA SER B 276 -14.91 -3.31 25.19
C SER B 276 -15.88 -4.18 24.39
N PHE B 277 -16.60 -3.56 23.45
CA PHE B 277 -17.60 -4.26 22.66
C PHE B 277 -17.19 -4.44 21.20
N GLY B 278 -15.89 -4.39 20.90
CA GLY B 278 -15.43 -4.73 19.58
C GLY B 278 -15.50 -3.58 18.58
N ASN B 279 -15.18 -3.92 17.33
CA ASN B 279 -15.03 -2.90 16.29
C ASN B 279 -16.38 -2.30 15.89
N ARG B 280 -17.43 -3.12 15.81
CA ARG B 280 -18.72 -2.67 15.30
C ARG B 280 -19.78 -3.02 16.34
N THR B 281 -19.96 -2.13 17.31
CA THR B 281 -20.92 -2.33 18.37
C THR B 281 -22.24 -1.66 18.00
N ALA B 282 -23.35 -2.31 18.35
CA ALA B 282 -24.68 -1.81 18.04
C ALA B 282 -25.33 -1.09 19.24
N MET B 283 -24.57 -0.33 20.02
CA MET B 283 -25.09 0.28 21.24
C MET B 283 -25.41 1.74 21.04
N SER B 284 -26.63 2.13 21.40
CA SER B 284 -27.10 3.49 21.32
C SER B 284 -26.53 4.34 22.46
N SER B 285 -26.61 5.67 22.27
CA SER B 285 -26.17 6.57 23.32
C SER B 285 -26.92 6.34 24.62
N ASP B 286 -28.19 5.92 24.54
CA ASP B 286 -28.93 5.62 25.77
C ASP B 286 -28.36 4.40 26.48
N GLN B 287 -28.01 3.36 25.71
CA GLN B 287 -27.38 2.18 26.30
C GLN B 287 -26.04 2.55 26.92
N ILE B 288 -25.26 3.39 26.24
CA ILE B 288 -23.97 3.82 26.76
C ILE B 288 -24.17 4.54 28.10
N LEU B 289 -25.21 5.39 28.17
CA LEU B 289 -25.50 6.13 29.39
C LEU B 289 -25.86 5.20 30.54
N GLU B 290 -26.74 4.23 30.31
CA GLU B 290 -27.06 3.30 31.38
C GLU B 290 -25.84 2.45 31.78
N LEU B 291 -25.00 2.09 30.80
CA LEU B 291 -23.76 1.39 31.17
C LEU B 291 -22.90 2.30 32.05
N GLY B 292 -22.81 3.59 31.71
CA GLY B 292 -22.06 4.52 32.55
C GLY B 292 -22.65 4.65 33.95
N MET B 293 -23.95 4.82 34.06
CA MET B 293 -24.55 4.79 35.41
C MET B 293 -24.27 3.47 36.12
N GLY B 294 -24.26 2.36 35.38
CA GLY B 294 -23.99 1.09 36.04
C GLY B 294 -22.59 1.02 36.62
N LEU B 295 -21.59 1.44 35.82
CA LEU B 295 -20.21 1.36 36.29
C LEU B 295 -19.95 2.28 37.49
N GLU B 296 -20.53 3.48 37.46
CA GLU B 296 -20.35 4.43 38.56
C GLU B 296 -20.78 3.84 39.89
N ARG B 297 -21.81 2.98 39.88
CA ARG B 297 -22.28 2.34 41.11
C ARG B 297 -21.35 1.22 41.60
N SER B 298 -20.49 0.66 40.74
CA SER B 298 -19.64 -0.47 41.12
C SER B 298 -18.47 -0.02 41.99
N ASP B 299 -17.79 -0.99 42.61
CA ASP B 299 -16.67 -0.68 43.48
C ASP B 299 -15.31 -0.81 42.81
N CYS B 300 -15.23 -1.43 41.64
CA CYS B 300 -13.93 -1.61 40.99
C CYS B 300 -13.62 -0.46 40.04
N ARG B 301 -12.34 -0.31 39.73
CA ARG B 301 -11.96 0.58 38.65
C ARG B 301 -12.12 -0.12 37.30
N PHE B 302 -12.02 0.67 36.22
CA PHE B 302 -12.30 0.12 34.92
C PHE B 302 -11.47 0.85 33.86
N ILE B 303 -11.34 0.18 32.73
CA ILE B 303 -10.92 0.78 31.47
C ILE B 303 -12.03 0.51 30.49
N TRP B 304 -12.62 1.57 29.93
CA TRP B 304 -13.82 1.40 29.10
C TRP B 304 -13.56 2.03 27.74
N VAL B 305 -13.53 1.19 26.70
CA VAL B 305 -13.39 1.64 25.32
C VAL B 305 -14.76 2.11 24.84
N VAL B 306 -14.89 3.42 24.60
CA VAL B 306 -16.15 4.06 24.23
C VAL B 306 -15.99 4.72 22.86
N LYS B 307 -16.88 4.38 21.94
CA LYS B 307 -16.87 4.92 20.57
C LYS B 307 -15.57 4.59 19.83
N LYS B 313 -6.91 12.25 18.45
CA LYS B 313 -6.99 12.90 19.75
C LYS B 313 -8.18 12.41 20.53
N ASP B 314 -8.02 12.22 21.84
CA ASP B 314 -9.12 11.78 22.70
C ASP B 314 -9.79 13.02 23.28
N ASP B 315 -10.88 13.41 22.64
CA ASP B 315 -11.66 14.59 22.98
C ASP B 315 -12.75 14.17 23.96
N LYS B 316 -12.83 14.91 25.07
CA LYS B 316 -13.75 14.59 26.16
C LYS B 316 -15.18 15.04 25.89
N SER B 317 -15.36 16.03 25.00
CA SER B 317 -16.62 16.79 24.94
C SER B 317 -17.82 15.90 24.66
N GLU B 318 -17.72 14.98 23.71
CA GLU B 318 -18.83 14.09 23.42
C GLU B 318 -19.24 13.28 24.64
N LEU B 319 -18.27 12.78 25.41
CA LEU B 319 -18.61 12.00 26.58
C LEU B 319 -19.20 12.88 27.67
N ARG B 320 -18.72 14.11 27.79
CA ARG B 320 -19.28 15.04 28.76
C ARG B 320 -20.73 15.37 28.43
N LYS B 321 -21.06 15.50 27.14
CA LYS B 321 -22.43 15.77 26.75
C LYS B 321 -23.30 14.53 26.98
N LEU B 322 -22.77 13.36 26.66
CA LEU B 322 -23.55 12.13 26.80
C LEU B 322 -23.89 11.86 28.27
N PHE B 323 -22.88 11.88 29.14
CA PHE B 323 -23.09 11.52 30.53
C PHE B 323 -23.57 12.68 31.37
N GLY B 324 -23.38 13.91 30.93
CA GLY B 324 -23.50 15.05 31.80
C GLY B 324 -22.29 15.20 32.70
N GLU B 325 -22.07 16.43 33.17
CA GLU B 325 -20.79 16.75 33.78
C GLU B 325 -20.58 16.00 35.09
N GLU B 326 -21.62 15.88 35.91
CA GLU B 326 -21.44 15.22 37.20
C GLU B 326 -21.12 13.74 37.01
N LEU B 327 -21.85 13.04 36.13
CA LEU B 327 -21.57 11.62 35.92
C LEU B 327 -20.24 11.41 35.20
N TYR B 328 -19.91 12.29 34.24
CA TYR B 328 -18.63 12.12 33.57
C TYR B 328 -17.47 12.27 34.55
N LEU B 329 -17.55 13.25 35.46
CA LEU B 329 -16.47 13.45 36.41
C LEU B 329 -16.34 12.26 37.36
N LYS B 330 -17.47 11.72 37.80
CA LYS B 330 -17.44 10.53 38.65
C LYS B 330 -16.84 9.34 37.90
N LEU B 331 -17.22 9.16 36.63
CA LEU B 331 -16.67 8.05 35.87
C LEU B 331 -15.16 8.20 35.66
N SER B 332 -14.72 9.41 35.31
CA SER B 332 -13.31 9.60 35.02
C SER B 332 -12.45 9.56 36.29
N GLU B 333 -13.04 9.74 37.46
CA GLU B 333 -12.29 9.57 38.70
C GLU B 333 -12.10 8.09 39.02
N LYS B 334 -13.01 7.24 38.57
CA LYS B 334 -12.97 5.84 38.93
C LYS B 334 -12.27 4.99 37.89
N GLY B 335 -12.37 5.35 36.60
CA GLY B 335 -11.76 4.58 35.53
C GLY B 335 -11.27 5.39 34.36
N LYS B 336 -10.90 4.70 33.28
CA LYS B 336 -10.37 5.36 32.09
C LYS B 336 -11.37 5.17 30.97
N LEU B 337 -11.82 6.27 30.40
CA LEU B 337 -12.70 6.27 29.23
C LEU B 337 -11.84 6.64 28.05
N VAL B 338 -11.66 5.71 27.11
CA VAL B 338 -10.68 5.90 26.04
C VAL B 338 -11.26 5.49 24.70
N LYS B 339 -10.62 5.95 23.64
CA LYS B 339 -11.11 5.65 22.31
C LYS B 339 -10.61 4.32 21.79
N TRP B 340 -9.43 3.89 22.23
CA TRP B 340 -8.75 2.71 21.70
C TRP B 340 -7.69 2.28 22.69
N VAL B 341 -7.43 0.96 22.76
CA VAL B 341 -6.32 0.43 23.52
C VAL B 341 -5.63 -0.66 22.68
N ASN B 342 -4.44 -1.06 23.12
CA ASN B 342 -3.83 -2.33 22.72
C ASN B 342 -4.44 -3.41 23.60
N GLN B 343 -5.50 -4.05 23.09
CA GLN B 343 -6.27 -4.98 23.91
C GLN B 343 -5.39 -6.05 24.53
N THR B 344 -4.50 -6.66 23.75
CA THR B 344 -3.68 -7.75 24.28
C THR B 344 -2.82 -7.28 25.45
N GLU B 345 -2.28 -6.07 25.37
CA GLU B 345 -1.49 -5.57 26.49
C GLU B 345 -2.38 -5.28 27.70
N ILE B 346 -3.60 -4.79 27.49
CA ILE B 346 -4.50 -4.59 28.63
C ILE B 346 -4.83 -5.92 29.26
N LEU B 347 -5.30 -6.88 28.46
CA LEU B 347 -5.72 -8.16 29.00
C LEU B 347 -4.55 -8.91 29.61
N GLY B 348 -3.32 -8.63 29.15
CA GLY B 348 -2.16 -9.27 29.71
C GLY B 348 -1.64 -8.67 31.01
N HIS B 349 -2.17 -7.52 31.44
CA HIS B 349 -1.67 -6.88 32.65
C HIS B 349 -2.30 -7.54 33.89
N THR B 350 -1.47 -7.85 34.88
CA THR B 350 -1.92 -8.45 36.15
C THR B 350 -3.05 -7.66 36.81
N ALA B 351 -3.12 -6.34 36.60
CA ALA B 351 -4.15 -5.57 37.30
C ALA B 351 -5.55 -5.84 36.76
N VAL B 352 -5.67 -6.39 35.55
CA VAL B 352 -6.98 -6.58 34.95
C VAL B 352 -7.60 -7.87 35.47
N GLY B 353 -8.77 -7.76 36.11
CA GLY B 353 -9.42 -8.90 36.74
C GLY B 353 -10.65 -9.46 36.04
N GLY B 354 -11.15 -8.78 35.02
CA GLY B 354 -12.34 -9.26 34.34
C GLY B 354 -12.53 -8.51 33.05
N PHE B 355 -13.38 -9.07 32.19
CA PHE B 355 -13.57 -8.53 30.85
C PHE B 355 -15.06 -8.60 30.49
N LEU B 356 -15.66 -7.42 30.38
CA LEU B 356 -17.02 -7.30 29.88
C LEU B 356 -16.91 -7.13 28.38
N SER B 357 -17.47 -8.09 27.64
CA SER B 357 -17.20 -8.25 26.22
C SER B 357 -18.47 -8.65 25.49
N HIS B 358 -18.51 -8.29 24.22
CA HIS B 358 -19.46 -8.77 23.22
C HIS B 358 -19.25 -10.22 22.84
N CYS B 359 -18.08 -10.74 23.11
CA CYS B 359 -17.69 -12.11 22.76
C CYS B 359 -17.51 -12.30 21.25
N GLY B 360 -16.98 -11.28 20.56
CA GLY B 360 -16.27 -11.55 19.32
C GLY B 360 -15.16 -12.55 19.57
N TRP B 361 -14.88 -13.40 18.57
CA TRP B 361 -14.03 -14.55 18.86
C TRP B 361 -12.59 -14.14 19.16
N ASN B 362 -12.07 -13.07 18.53
CA ASN B 362 -10.73 -12.59 18.91
C ASN B 362 -10.68 -12.21 20.39
N SER B 363 -11.69 -11.49 20.88
CA SER B 363 -11.69 -11.07 22.28
C SER B 363 -11.78 -12.29 23.21
N VAL B 364 -12.57 -13.30 22.83
CA VAL B 364 -12.63 -14.53 23.62
C VAL B 364 -11.26 -15.16 23.72
N MET B 365 -10.60 -15.35 22.57
CA MET B 365 -9.33 -16.08 22.56
C MET B 365 -8.24 -15.26 23.25
N GLU B 366 -8.27 -13.95 23.07
CA GLU B 366 -7.31 -13.10 23.78
C GLU B 366 -7.52 -13.18 25.29
N ALA B 367 -8.79 -13.25 25.74
CA ALA B 367 -9.06 -13.42 27.17
C ALA B 367 -8.67 -14.82 27.63
N ALA B 368 -8.96 -15.84 26.80
CA ALA B 368 -8.65 -17.21 27.18
C ALA B 368 -7.17 -17.37 27.39
N ARG B 369 -6.35 -16.79 26.48
CA ARG B 369 -4.90 -16.86 26.59
C ARG B 369 -4.41 -16.36 27.95
N ARG B 370 -5.04 -15.31 28.48
CA ARG B 370 -4.59 -14.69 29.72
C ARG B 370 -5.43 -15.11 30.93
N GLY B 371 -6.40 -16.01 30.74
CA GLY B 371 -7.20 -16.45 31.86
C GLY B 371 -8.08 -15.38 32.50
N VAL B 372 -8.58 -14.43 31.72
CA VAL B 372 -9.38 -13.33 32.25
C VAL B 372 -10.85 -13.72 32.20
N PRO B 373 -11.55 -13.74 33.33
CA PRO B 373 -12.97 -14.10 33.29
C PRO B 373 -13.79 -13.10 32.49
N ILE B 374 -14.78 -13.61 31.77
CA ILE B 374 -15.56 -12.82 30.82
C ILE B 374 -16.99 -12.68 31.34
N LEU B 375 -17.50 -11.47 31.32
CA LEU B 375 -18.93 -11.25 31.42
C LEU B 375 -19.41 -10.96 30.00
N ALA B 376 -20.28 -11.83 29.48
CA ALA B 376 -20.59 -11.85 28.06
C ALA B 376 -21.92 -11.17 27.80
N TRP B 377 -21.89 -10.09 27.01
CA TRP B 377 -23.07 -9.41 26.51
C TRP B 377 -23.07 -9.50 24.98
N PRO B 378 -23.34 -10.69 24.43
CA PRO B 378 -23.31 -10.84 22.97
C PRO B 378 -24.42 -10.04 22.31
N GLN B 379 -24.17 -9.64 21.06
CA GLN B 379 -25.15 -8.88 20.32
C GLN B 379 -25.68 -9.58 19.09
N HIS B 380 -24.98 -10.59 18.58
CA HIS B 380 -25.41 -11.27 17.35
C HIS B 380 -25.44 -12.77 17.58
N GLY B 381 -25.85 -13.50 16.54
CA GLY B 381 -26.00 -14.95 16.65
C GLY B 381 -24.68 -15.66 16.93
N ASP B 382 -23.61 -15.29 16.22
CA ASP B 382 -22.30 -15.93 16.45
C ASP B 382 -21.75 -15.60 17.84
N GLN B 383 -22.05 -14.40 18.34
CA GLN B 383 -21.56 -14.01 19.66
C GLN B 383 -22.29 -14.77 20.76
N ARG B 384 -23.57 -15.07 20.57
CA ARG B 384 -24.29 -15.89 21.54
C ARG B 384 -23.74 -17.32 21.57
N GLU B 385 -23.40 -17.88 20.41
CA GLU B 385 -22.75 -19.19 20.43
C GLU B 385 -21.36 -19.11 21.07
N ASN B 386 -20.59 -18.04 20.80
CA ASN B 386 -19.29 -17.90 21.46
C ASN B 386 -19.45 -17.78 22.96
N ALA B 387 -20.47 -17.02 23.41
CA ALA B 387 -20.73 -16.85 24.83
C ALA B 387 -21.07 -18.18 25.48
N TRP B 388 -21.80 -19.04 24.77
CA TRP B 388 -22.08 -20.38 25.28
C TRP B 388 -20.81 -21.21 25.43
N VAL B 389 -19.91 -21.12 24.46
CA VAL B 389 -18.63 -21.82 24.57
C VAL B 389 -17.85 -21.27 25.76
N VAL B 390 -17.86 -19.95 25.93
CA VAL B 390 -17.14 -19.32 27.05
C VAL B 390 -17.67 -19.85 28.38
N GLU B 391 -19.00 -19.91 28.49
CA GLU B 391 -19.63 -20.39 29.72
C GLU B 391 -19.36 -21.88 29.92
N LYS B 392 -19.43 -22.68 28.84
CA LYS B 392 -19.17 -24.11 28.96
C LYS B 392 -17.76 -24.40 29.42
N ALA B 393 -16.78 -23.62 28.94
CA ALA B 393 -15.40 -23.85 29.31
C ALA B 393 -15.05 -23.31 30.70
N GLY B 394 -15.95 -22.58 31.36
CA GLY B 394 -15.62 -21.94 32.62
C GLY B 394 -14.80 -20.67 32.49
N LEU B 395 -14.77 -20.07 31.31
CA LEU B 395 -14.10 -18.78 31.14
C LEU B 395 -14.97 -17.59 31.55
N GLY B 396 -16.29 -17.74 31.62
CA GLY B 396 -17.07 -16.57 31.92
C GLY B 396 -18.53 -16.90 32.13
N VAL B 397 -19.35 -15.86 32.16
CA VAL B 397 -20.78 -15.97 32.42
C VAL B 397 -21.53 -15.15 31.37
N TRP B 398 -22.62 -15.73 30.85
CA TRP B 398 -23.38 -15.10 29.77
C TRP B 398 -24.66 -14.53 30.36
N GLU B 399 -24.78 -13.20 30.31
CA GLU B 399 -25.99 -12.48 30.74
C GLU B 399 -26.96 -12.47 29.56
N ARG B 400 -27.94 -13.37 29.57
CA ARG B 400 -28.78 -13.56 28.38
C ARG B 400 -29.64 -12.33 28.08
N GLU B 401 -30.12 -11.63 29.10
CA GLU B 401 -31.04 -10.52 28.90
C GLU B 401 -30.45 -9.19 29.33
N TRP B 402 -29.14 -9.02 29.07
CA TRP B 402 -28.45 -7.79 29.49
C TRP B 402 -29.13 -6.55 28.94
N ALA B 403 -29.61 -6.60 27.68
CA ALA B 403 -30.27 -5.46 27.07
C ALA B 403 -31.56 -5.09 27.77
N SER B 404 -32.11 -5.99 28.59
CA SER B 404 -33.36 -5.72 29.29
C SER B 404 -33.18 -4.87 30.53
N GLY B 405 -31.95 -4.74 31.04
CA GLY B 405 -31.66 -3.92 32.19
C GLY B 405 -30.18 -3.72 32.40
N ILE B 406 -29.60 -2.78 31.66
CA ILE B 406 -28.15 -2.70 31.55
C ILE B 406 -27.53 -2.33 32.90
N GLN B 407 -28.17 -1.41 33.63
CA GLN B 407 -27.57 -0.84 34.82
C GLN B 407 -27.55 -1.92 35.90
N ALA B 408 -28.69 -2.63 36.00
CA ALA B 408 -28.83 -3.73 36.94
C ALA B 408 -27.90 -4.87 36.58
N ALA B 409 -27.76 -5.17 35.29
CA ALA B 409 -26.89 -6.25 34.86
C ALA B 409 -25.44 -5.96 35.24
N ILE B 410 -25.04 -4.70 35.16
CA ILE B 410 -23.66 -4.35 35.48
C ILE B 410 -23.43 -4.44 36.98
N VAL B 411 -24.35 -3.87 37.76
CA VAL B 411 -24.17 -3.81 39.21
C VAL B 411 -24.11 -5.21 39.81
N GLU B 412 -24.99 -6.10 39.37
CA GLU B 412 -25.06 -7.45 39.94
C GLU B 412 -23.83 -8.29 39.55
N LYS B 413 -23.49 -8.30 38.27
CA LYS B 413 -22.54 -9.29 37.76
C LYS B 413 -21.09 -8.82 37.79
N VAL B 414 -20.81 -7.52 37.88
CA VAL B 414 -19.41 -7.12 37.91
C VAL B 414 -18.75 -7.61 39.18
N LYS B 415 -19.45 -7.51 40.31
CA LYS B 415 -18.87 -7.95 41.56
C LYS B 415 -18.64 -9.45 41.56
N MET B 416 -19.44 -10.20 40.79
CA MET B 416 -19.19 -11.63 40.77
C MET B 416 -18.09 -11.98 39.77
N ILE B 417 -18.05 -11.31 38.62
CA ILE B 417 -16.96 -11.55 37.68
C ILE B 417 -15.61 -11.33 38.35
N MET B 418 -15.54 -10.41 39.30
CA MET B 418 -14.26 -9.96 39.83
C MET B 418 -14.03 -10.36 41.26
N GLY B 419 -14.85 -11.24 41.81
CA GLY B 419 -14.64 -11.69 43.16
C GLY B 419 -14.89 -13.18 43.30
N ASN B 420 -15.69 -13.75 42.38
CA ASN B 420 -16.10 -15.13 42.54
C ASN B 420 -14.89 -16.03 42.36
N ASN B 421 -14.55 -16.75 43.42
CA ASN B 421 -13.33 -17.55 43.41
C ASN B 421 -13.47 -18.77 42.53
N ASP B 422 -14.68 -19.34 42.40
CA ASP B 422 -14.85 -20.50 41.53
C ASP B 422 -14.66 -20.10 40.06
N LEU B 423 -15.24 -18.97 39.65
CA LEU B 423 -15.07 -18.54 38.27
C LEU B 423 -13.64 -18.07 38.03
N ARG B 424 -13.00 -17.48 39.02
CA ARG B 424 -11.60 -17.10 38.84
C ARG B 424 -10.72 -18.33 38.64
N LYS B 425 -10.97 -19.40 39.40
CA LYS B 425 -10.16 -20.60 39.27
C LYS B 425 -10.42 -21.30 37.94
N SER B 426 -11.68 -21.37 37.51
CA SER B 426 -11.95 -21.98 36.21
C SER B 426 -11.37 -21.13 35.08
N ALA B 427 -11.43 -19.79 35.21
CA ALA B 427 -10.84 -18.95 34.17
C ALA B 427 -9.33 -19.10 34.13
N MET B 428 -8.70 -19.17 35.30
CA MET B 428 -7.25 -19.36 35.40
C MET B 428 -6.78 -20.65 34.72
N LYS B 429 -7.47 -21.74 34.98
CA LYS B 429 -7.10 -23.03 34.37
C LYS B 429 -7.29 -22.99 32.85
N VAL B 430 -8.35 -22.32 32.37
CA VAL B 430 -8.44 -22.02 30.94
C VAL B 430 -7.18 -21.31 30.46
N GLY B 431 -6.73 -20.30 31.22
CA GLY B 431 -5.53 -19.57 30.82
C GLY B 431 -4.31 -20.47 30.76
N GLU B 432 -4.18 -21.37 31.73
CA GLU B 432 -3.05 -22.30 31.72
C GLU B 432 -3.10 -23.23 30.52
N GLU B 433 -4.30 -23.74 30.19
CA GLU B 433 -4.40 -24.66 29.06
C GLU B 433 -4.23 -23.94 27.73
N ALA B 434 -4.73 -22.70 27.63
CA ALA B 434 -4.52 -21.91 26.41
C ALA B 434 -3.04 -21.60 26.21
N LYS B 435 -2.34 -21.28 27.30
CA LYS B 435 -0.90 -21.01 27.23
C LYS B 435 -0.13 -22.26 26.85
N ARG B 436 -0.42 -23.39 27.50
CA ARG B 436 0.24 -24.63 27.12
C ARG B 436 0.03 -24.92 25.64
N ALA B 437 -1.17 -24.64 25.12
CA ALA B 437 -1.53 -25.03 23.76
C ALA B 437 -0.68 -24.33 22.71
N CYS B 438 -0.33 -23.06 22.95
CA CYS B 438 0.44 -22.29 21.97
C CYS B 438 1.91 -22.20 22.34
N ASP B 439 2.29 -22.84 23.44
CA ASP B 439 3.68 -22.91 23.84
C ASP B 439 4.37 -24.00 23.02
N VAL B 440 5.69 -24.13 23.20
CA VAL B 440 6.43 -25.16 22.51
C VAL B 440 5.96 -26.52 22.99
N GLY B 441 5.61 -27.39 22.05
CA GLY B 441 5.05 -28.70 22.38
C GLY B 441 3.56 -28.69 22.65
N GLY B 442 2.94 -27.51 22.71
CA GLY B 442 1.49 -27.43 22.90
C GLY B 442 0.71 -28.03 21.76
N SER B 443 -0.56 -28.36 22.04
CA SER B 443 -1.37 -29.06 21.05
C SER B 443 -1.59 -28.22 19.80
N SER B 444 -1.69 -26.90 19.93
CA SER B 444 -1.88 -26.07 18.73
C SER B 444 -0.56 -25.85 17.99
N ALA B 445 0.50 -25.52 18.73
CA ALA B 445 1.82 -25.42 18.11
C ALA B 445 2.22 -26.71 17.42
N THR B 446 1.98 -27.87 18.06
CA THR B 446 2.22 -29.15 17.38
C THR B 446 1.45 -29.24 16.05
N ALA B 447 0.15 -28.97 16.06
CA ALA B 447 -0.65 -29.07 14.84
C ALA B 447 -0.06 -28.20 13.72
N LEU B 448 0.23 -26.93 14.03
CA LEU B 448 0.77 -26.01 13.03
C LEU B 448 2.14 -26.45 12.53
N MET B 449 2.97 -27.02 13.42
CA MET B 449 4.28 -27.49 12.99
C MET B 449 4.16 -28.69 12.06
N ASN B 450 3.18 -29.56 12.30
CA ASN B 450 2.95 -30.68 11.40
C ASN B 450 2.49 -30.21 10.03
N ILE B 451 1.70 -29.12 9.98
CA ILE B 451 1.33 -28.59 8.66
C ILE B 451 2.56 -28.10 7.92
N ILE B 452 3.35 -27.24 8.58
CA ILE B 452 4.55 -26.67 7.97
C ILE B 452 5.54 -27.77 7.61
N GLY B 453 5.68 -28.78 8.48
CA GLY B 453 6.55 -29.90 8.17
C GLY B 453 6.09 -30.69 6.96
N SER B 454 4.78 -30.81 6.77
CA SER B 454 4.26 -31.52 5.61
C SER B 454 4.62 -30.82 4.30
N LEU B 455 4.99 -29.55 4.35
CA LEU B 455 5.37 -28.86 3.11
C LEU B 455 6.83 -29.08 2.75
N LYS B 456 7.63 -29.57 3.70
CA LYS B 456 9.05 -29.82 3.49
C LYS B 456 9.27 -31.25 3.01
N1 UDP C . 2.96 13.74 -11.58
C2 UDP C . 1.72 13.14 -11.38
N3 UDP C . 0.78 13.79 -10.79
C4 UDP C . 0.97 14.97 -10.36
C5 UDP C . 2.18 15.58 -10.54
C6 UDP C . 3.19 14.94 -11.18
O2 UDP C . 1.51 12.01 -11.78
O4 UDP C . 0.10 15.57 -9.80
C1' UDP C . 4.01 12.97 -12.20
C2' UDP C . 4.20 13.37 -13.61
O2' UDP C . 3.34 12.65 -14.40
C3' UDP C . 5.64 12.98 -13.82
C4' UDP C . 6.30 13.10 -12.46
O4' UDP C . 5.23 13.16 -11.54
O3' UDP C . 5.81 11.71 -14.36
C5' UDP C . 7.23 14.30 -12.42
O5' UDP C . 8.51 13.99 -12.91
PA UDP C . 9.46 14.98 -13.53
O1A UDP C . 8.71 15.68 -14.45
O2A UDP C . 10.63 14.49 -14.07
O3A UDP C . 9.89 15.93 -12.40
PB UDP C . 10.63 15.72 -11.02
O1B UDP C . 11.20 16.94 -10.66
O2B UDP C . 9.60 15.38 -10.10
O3B UDP C . 11.57 14.68 -11.01
N1 UDP D . -9.39 -4.29 19.87
C2 UDP D . -8.28 -3.53 20.19
N3 UDP D . -8.43 -2.40 20.84
C4 UDP D . -9.62 -1.98 21.14
C5 UDP D . -10.73 -2.71 20.86
C6 UDP D . -10.59 -3.87 20.19
O2 UDP D . -7.18 -3.93 19.88
O4 UDP D . -9.74 -0.95 21.73
C1' UDP D . -9.24 -5.52 19.12
C2' UDP D . -9.18 -6.79 19.92
O2' UDP D . -7.88 -6.98 20.34
C3' UDP D . -9.58 -7.81 18.88
C4' UDP D . -10.52 -7.09 17.95
O4' UDP D . -10.32 -5.72 18.24
O3' UDP D . -8.47 -8.29 18.18
C5' UDP D . -11.94 -7.44 18.21
O5' UDP D . -12.41 -8.51 17.45
PA UDP D . -13.49 -9.40 17.98
O1A UDP D . -13.62 -10.55 17.21
O2A UDP D . -13.45 -9.57 19.32
O3A UDP D . -14.77 -8.55 17.78
PB UDP D . -15.46 -7.98 16.49
O1B UDP D . -16.76 -7.45 16.72
O2B UDP D . -14.54 -7.05 15.89
O3B UDP D . -15.80 -9.21 15.80
#